data_8V38
#
_entry.id   8V38
#
_cell.length_a   1.00
_cell.length_b   1.00
_cell.length_c   1.00
_cell.angle_alpha   90.00
_cell.angle_beta   90.00
_cell.angle_gamma   90.00
#
_symmetry.space_group_name_H-M   'P 1'
#
_entity_poly.entity_id   1
_entity_poly.type   'polypeptide(L)'
_entity_poly.pdbx_seq_one_letter_code
;MRGCLRLALLCALPWLLLAASPGHPAKSPRQPPAPRRDPFDAARGADFDHVYSGVVNLSTENIYSFNYTSQPDQVTAVRV
YVNSSSENLNYPVLVVVRQQKEVLSWQVPLLFQGLYQRSYNYQEVSRTLCPSEATNETGPLQQLIFVDVASMAPLGAQYK
LLVTKLKHFQLRTNVAFHFTASPSQPQYFLYKFPKDVDSVIIKVVSEMAYPCSVVSVQNIMCPVYDLDHNVEFNGVYQSM
TKKAAITLQKKDFPGEQFFVVFVIKPEDYACGGSFFIQEKENQTWNLQRKKNLEVTIVPSIKESVYVKSSLFSVFIFLSF
YLGCLLVGFVHYLRFQRKSIDGSFGSNDGSGNMVASHPIAASTPEGSNYGTIDESSSSPGRQMSSSDGGPPGQSDTDSSV
EESDFDTMPDIESDKNIIRTKMFLYLSDLSRKDRRIVSKKYKIYFWNIITIAVFYALPVIQLVITYQTVVNVTGNQDICY
YNFLCAHPLGVLSAFNNILSNLGHVLLGFLFLLIVLRRDILHRRALEAKDIFAVEYGIPKHFGLFYAMGIALMMEGVLSA
CYHVCPNYSNFQFDTSFMYMIAGLCMLKLYQTRHPDINASAYSAYASFAVVIMVTVLGVVFGKNDVWFWVIFSAIHVLAS
LALSTQIYYMGRFKIDLGIFRRAAMVFYTDCIQQCSRPLYMDRMVLLVVGNLVNWSFALFGLIYRPRDFASYMLGIFICN
LLLYLAFYIIMKLRSSEKVLPVPLFCIVATAVMWAAALYFFFQNLSSWEGTPAESREKNRECILLDFFDDHDIWHFLSAT
ALFFSFLVLLTLDDDLDVVRRDQIPVFAAAFESRLEVLFQGPAAAAVSKGEELFTGVVPILVELDGDVNGHKFSVSGEGE
GDATYGKLTLKFICTTGKLPVPWPTLVTTLTYGVQCFSRYPDHMKQHDFFKSAMPEGYVQERTIFFKDDGNYKTRAEVKF
EGDTLVNRIELKGIDFKEDGNILGHKLEYNYNSHNVYIMADKQKNGIKVNFKIRHNIEDGSVQLADHYQQNTPIGDGPVL
LPDNHYLSTQSKLSKDPNEKRDHMVLLEFVTAAGITLGMDELYKSGGSGWSHPQFEK
;
_entity_poly.pdbx_strand_id   A,B
#
# COMPACT_ATOMS: atom_id res chain seq x y z
N ALA A 42 -17.38 -33.85 -45.44
CA ALA A 42 -18.80 -33.55 -45.24
C ALA A 42 -18.99 -32.09 -44.87
N ALA A 43 -19.61 -31.33 -45.76
CA ALA A 43 -19.83 -29.90 -45.59
C ALA A 43 -20.96 -29.48 -46.53
N ARG A 44 -21.18 -28.16 -46.64
CA ARG A 44 -22.20 -27.62 -47.52
C ARG A 44 -21.68 -26.58 -48.49
N GLY A 45 -20.45 -26.07 -48.31
CA GLY A 45 -19.89 -25.04 -49.16
C GLY A 45 -20.65 -23.73 -49.15
N ALA A 46 -20.74 -23.10 -47.98
CA ALA A 46 -21.49 -21.86 -47.83
C ALA A 46 -20.63 -20.67 -48.26
N ASP A 47 -21.28 -19.52 -48.40
CA ASP A 47 -20.63 -18.30 -48.84
C ASP A 47 -20.67 -17.25 -47.73
N PHE A 48 -19.70 -16.33 -47.78
CA PHE A 48 -19.61 -15.26 -46.80
C PHE A 48 -20.78 -14.29 -46.92
N ASP A 49 -21.13 -13.68 -45.78
CA ASP A 49 -22.15 -12.63 -45.66
C ASP A 49 -23.53 -13.12 -46.13
N HIS A 50 -24.04 -14.10 -45.39
CA HIS A 50 -25.37 -14.63 -45.65
C HIS A 50 -25.96 -15.12 -44.33
N VAL A 51 -27.28 -15.08 -44.24
CA VAL A 51 -28.00 -15.45 -43.02
C VAL A 51 -28.51 -16.87 -43.18
N TYR A 52 -28.10 -17.75 -42.26
CA TYR A 52 -28.45 -19.16 -42.31
C TYR A 52 -29.28 -19.53 -41.08
N SER A 53 -30.28 -20.39 -41.30
CA SER A 53 -31.17 -20.82 -40.24
C SER A 53 -31.52 -22.29 -40.45
N GLY A 54 -31.90 -22.95 -39.36
CA GLY A 54 -32.20 -24.35 -39.42
C GLY A 54 -32.64 -24.88 -38.06
N VAL A 55 -32.73 -26.20 -37.98
CA VAL A 55 -33.19 -26.90 -36.78
C VAL A 55 -32.12 -27.91 -36.39
N VAL A 56 -31.80 -27.95 -35.10
CA VAL A 56 -30.84 -28.91 -34.55
C VAL A 56 -31.55 -29.76 -33.50
N ASN A 57 -31.00 -30.94 -33.27
CA ASN A 57 -31.69 -31.96 -32.47
C ASN A 57 -30.63 -32.75 -31.72
N LEU A 58 -31.01 -33.92 -31.20
CA LEU A 58 -30.07 -34.77 -30.48
C LEU A 58 -29.08 -35.46 -31.42
N SER A 59 -29.53 -35.84 -32.62
CA SER A 59 -28.69 -36.53 -33.58
C SER A 59 -28.15 -35.61 -34.66
N THR A 60 -28.96 -34.67 -35.14
CA THR A 60 -28.54 -33.77 -36.21
C THR A 60 -27.49 -32.78 -35.70
N GLU A 61 -26.39 -32.67 -36.44
CA GLU A 61 -25.37 -31.67 -36.23
C GLU A 61 -25.21 -30.85 -37.51
N ASN A 62 -24.91 -29.56 -37.36
CA ASN A 62 -24.82 -28.67 -38.50
C ASN A 62 -23.36 -28.29 -38.71
N ILE A 63 -22.87 -28.47 -39.94
CA ILE A 63 -21.47 -28.23 -40.28
C ILE A 63 -21.42 -27.18 -41.38
N TYR A 64 -20.52 -26.22 -41.23
CA TYR A 64 -20.27 -25.20 -42.24
C TYR A 64 -18.77 -25.06 -42.45
N SER A 65 -18.37 -24.81 -43.70
CA SER A 65 -16.96 -24.76 -44.07
C SER A 65 -16.74 -23.54 -44.94
N PHE A 66 -15.94 -22.59 -44.44
CA PHE A 66 -15.70 -21.32 -45.11
C PHE A 66 -14.25 -21.29 -45.57
N ASN A 67 -14.04 -21.15 -46.87
CA ASN A 67 -12.70 -21.11 -47.45
C ASN A 67 -12.43 -19.72 -48.00
N TYR A 68 -11.30 -19.14 -47.62
CA TYR A 68 -10.95 -17.80 -48.10
C TYR A 68 -9.45 -17.71 -48.36
N THR A 69 -9.10 -16.84 -49.29
CA THR A 69 -7.71 -16.58 -49.67
C THR A 69 -7.26 -15.23 -49.12
N SER A 70 -6.08 -15.21 -48.52
CA SER A 70 -5.52 -13.99 -47.96
C SER A 70 -4.76 -13.23 -49.06
N GLN A 71 -4.10 -12.15 -48.67
CA GLN A 71 -3.36 -11.28 -49.56
C GLN A 71 -1.95 -11.12 -49.01
N PRO A 72 -0.98 -10.74 -49.85
CA PRO A 72 0.37 -10.44 -49.34
C PRO A 72 0.47 -9.10 -48.61
N ASP A 73 -0.62 -8.37 -48.42
CA ASP A 73 -0.64 -7.15 -47.61
C ASP A 73 -1.99 -7.08 -46.91
N GLN A 74 -2.14 -6.04 -46.06
CA GLN A 74 -3.33 -5.72 -45.26
C GLN A 74 -3.70 -6.78 -44.24
N VAL A 75 -4.68 -6.48 -43.40
CA VAL A 75 -5.13 -7.36 -42.32
C VAL A 75 -6.61 -7.63 -42.51
N THR A 76 -6.99 -8.91 -42.50
CA THR A 76 -8.38 -9.33 -42.52
C THR A 76 -8.78 -9.85 -41.15
N ALA A 77 -10.08 -9.84 -40.88
CA ALA A 77 -10.60 -10.27 -39.58
C ALA A 77 -12.01 -10.79 -39.76
N VAL A 78 -12.20 -12.09 -39.56
CA VAL A 78 -13.51 -12.72 -39.66
C VAL A 78 -14.29 -12.46 -38.39
N ARG A 79 -15.62 -12.36 -38.50
CA ARG A 79 -16.47 -12.10 -37.35
C ARG A 79 -17.72 -12.98 -37.45
N VAL A 80 -18.01 -13.68 -36.36
CA VAL A 80 -19.11 -14.64 -36.30
C VAL A 80 -20.18 -14.09 -35.34
N TYR A 81 -21.42 -14.02 -35.81
CA TYR A 81 -22.56 -13.59 -35.02
C TYR A 81 -23.57 -14.73 -34.99
N VAL A 82 -24.04 -15.07 -33.79
CA VAL A 82 -24.97 -16.19 -33.60
C VAL A 82 -26.09 -15.70 -32.70
N ASN A 83 -27.34 -15.98 -33.11
CA ASN A 83 -28.52 -15.50 -32.42
C ASN A 83 -29.44 -16.68 -32.14
N SER A 84 -30.08 -16.66 -30.98
CA SER A 84 -31.06 -17.68 -30.61
C SER A 84 -32.43 -17.03 -30.46
N SER A 85 -33.48 -17.76 -30.89
CA SER A 85 -34.83 -17.23 -30.98
C SER A 85 -35.42 -16.86 -29.62
N SER A 86 -35.65 -17.87 -28.78
CA SER A 86 -36.28 -17.70 -27.48
C SER A 86 -36.04 -18.97 -26.66
N GLU A 87 -36.68 -19.04 -25.49
CA GLU A 87 -36.54 -20.03 -24.40
C GLU A 87 -35.12 -20.58 -24.24
N ASN A 88 -34.98 -21.91 -24.22
CA ASN A 88 -33.72 -22.64 -24.16
C ASN A 88 -32.92 -22.28 -22.90
N LEU A 89 -33.50 -22.60 -21.75
CA LEU A 89 -32.83 -22.44 -20.47
C LEU A 89 -32.50 -23.75 -19.80
N ASN A 90 -32.88 -24.88 -20.40
CA ASN A 90 -32.50 -26.19 -19.91
C ASN A 90 -31.80 -27.06 -20.94
N TYR A 91 -31.80 -26.67 -22.22
CA TYR A 91 -31.13 -27.42 -23.28
C TYR A 91 -30.51 -26.41 -24.25
N PRO A 92 -29.34 -25.86 -23.92
CA PRO A 92 -28.75 -24.80 -24.75
C PRO A 92 -28.16 -25.30 -26.07
N VAL A 93 -27.69 -24.37 -26.89
CA VAL A 93 -27.08 -24.66 -28.19
C VAL A 93 -25.59 -24.42 -28.08
N LEU A 94 -24.79 -25.37 -28.55
CA LEU A 94 -23.35 -25.33 -28.40
C LEU A 94 -22.70 -25.19 -29.77
N VAL A 95 -21.83 -24.19 -29.92
CA VAL A 95 -21.20 -23.85 -31.18
C VAL A 95 -19.69 -23.91 -30.99
N VAL A 96 -19.00 -24.60 -31.89
CA VAL A 96 -17.55 -24.67 -31.88
C VAL A 96 -17.02 -24.22 -33.24
N VAL A 97 -15.91 -23.48 -33.21
CA VAL A 97 -15.26 -22.96 -34.41
C VAL A 97 -13.82 -23.46 -34.40
N ARG A 98 -13.44 -24.14 -35.48
CA ARG A 98 -12.12 -24.74 -35.61
C ARG A 98 -11.36 -24.04 -36.72
N GLN A 99 -10.13 -23.65 -36.42
CA GLN A 99 -9.17 -23.08 -37.36
C GLN A 99 -7.95 -24.00 -37.43
N GLN A 100 -6.89 -23.50 -38.08
CA GLN A 100 -5.67 -24.29 -38.21
C GLN A 100 -4.94 -24.42 -36.87
N LYS A 101 -4.86 -23.33 -36.12
CA LYS A 101 -4.11 -23.31 -34.87
C LYS A 101 -4.93 -22.72 -33.73
N GLU A 102 -6.24 -22.93 -33.74
CA GLU A 102 -7.12 -22.39 -32.71
C GLU A 102 -8.47 -23.10 -32.75
N VAL A 103 -9.02 -23.37 -31.58
CA VAL A 103 -10.39 -23.86 -31.43
C VAL A 103 -11.09 -23.00 -30.40
N LEU A 104 -12.29 -22.51 -30.74
CA LEU A 104 -13.09 -21.66 -29.87
C LEU A 104 -14.46 -22.30 -29.70
N SER A 105 -15.08 -22.06 -28.54
CA SER A 105 -16.31 -22.76 -28.20
C SER A 105 -17.17 -21.89 -27.29
N TRP A 106 -18.48 -21.92 -27.51
CA TRP A 106 -19.40 -21.17 -26.67
C TRP A 106 -20.79 -21.75 -26.75
N GLN A 107 -21.58 -21.46 -25.72
CA GLN A 107 -23.00 -21.78 -25.70
C GLN A 107 -23.80 -20.51 -25.94
N VAL A 108 -24.90 -20.64 -26.67
CA VAL A 108 -25.61 -19.47 -27.19
C VAL A 108 -26.46 -18.83 -26.09
N PRO A 109 -27.31 -19.57 -25.28
CA PRO A 109 -27.97 -18.86 -24.17
C PRO A 109 -26.99 -18.53 -23.05
N LEU A 110 -26.23 -17.45 -23.20
CA LEU A 110 -25.18 -17.13 -22.24
C LEU A 110 -25.78 -16.74 -20.89
N LEU A 111 -25.14 -17.18 -19.81
CA LEU A 111 -25.59 -16.88 -18.46
C LEU A 111 -24.43 -16.28 -17.68
N PHE A 112 -24.62 -15.06 -17.19
CA PHE A 112 -23.62 -14.42 -16.35
C PHE A 112 -24.00 -14.62 -14.88
N GLN A 113 -23.24 -14.01 -13.98
CA GLN A 113 -23.48 -14.12 -12.55
C GLN A 113 -22.83 -12.93 -11.85
N GLY A 114 -23.51 -12.43 -10.82
CA GLY A 114 -23.03 -11.28 -10.08
C GLY A 114 -23.25 -11.40 -8.59
N LEU A 115 -22.96 -10.33 -7.85
CA LEU A 115 -23.14 -10.31 -6.41
C LEU A 115 -24.64 -10.25 -6.06
N TYR A 116 -24.93 -10.62 -4.81
CA TYR A 116 -26.26 -10.58 -4.18
C TYR A 116 -27.25 -11.56 -4.82
N GLN A 117 -26.72 -12.59 -5.49
CA GLN A 117 -27.48 -13.72 -6.03
C GLN A 117 -28.50 -13.28 -7.08
N ARG A 118 -27.98 -12.72 -8.17
CA ARG A 118 -28.77 -12.40 -9.34
C ARG A 118 -28.22 -13.14 -10.55
N SER A 119 -29.07 -13.31 -11.57
CA SER A 119 -28.69 -14.07 -12.75
C SER A 119 -29.19 -13.33 -13.99
N TYR A 120 -28.27 -12.98 -14.88
CA TYR A 120 -28.59 -12.37 -16.16
C TYR A 120 -28.34 -13.37 -17.28
N ASN A 121 -29.18 -13.32 -18.31
CA ASN A 121 -29.05 -14.23 -19.45
C ASN A 121 -29.16 -13.45 -20.76
N TYR A 122 -28.14 -13.57 -21.60
CA TYR A 122 -28.13 -12.98 -22.93
C TYR A 122 -28.36 -14.06 -23.99
N GLN A 123 -28.91 -13.62 -25.14
CA GLN A 123 -29.31 -14.54 -26.20
C GLN A 123 -28.59 -14.29 -27.52
N GLU A 124 -27.54 -13.47 -27.51
CA GLU A 124 -26.82 -13.13 -28.74
C GLU A 124 -25.32 -13.18 -28.45
N VAL A 125 -24.57 -13.85 -29.33
CA VAL A 125 -23.12 -14.01 -29.18
C VAL A 125 -22.46 -13.47 -30.43
N SER A 126 -21.30 -12.83 -30.27
CA SER A 126 -20.49 -12.41 -31.40
C SER A 126 -19.03 -12.50 -31.00
N ARG A 127 -18.18 -12.86 -31.97
CA ARG A 127 -16.76 -13.03 -31.72
C ARG A 127 -15.97 -12.64 -32.97
N THR A 128 -14.73 -12.22 -32.76
CA THR A 128 -13.81 -11.80 -33.80
C THR A 128 -12.66 -12.79 -33.84
N LEU A 129 -12.57 -13.56 -34.92
CA LEU A 129 -11.50 -14.54 -35.06
C LEU A 129 -10.15 -13.86 -35.28
N CYS A 130 -9.09 -14.58 -34.91
CA CYS A 130 -7.74 -14.04 -35.02
C CYS A 130 -7.30 -13.99 -36.48
N PRO A 131 -6.43 -13.04 -36.83
CA PRO A 131 -5.83 -13.03 -38.16
C PRO A 131 -4.63 -13.97 -38.25
N SER A 132 -4.22 -14.23 -39.49
CA SER A 132 -3.12 -15.14 -39.78
C SER A 132 -1.84 -14.45 -40.24
N GLU A 133 -1.98 -13.29 -40.90
CA GLU A 133 -0.91 -12.37 -41.33
C GLU A 133 -0.13 -12.92 -42.51
N ALA A 134 0.67 -12.08 -43.15
CA ALA A 134 1.44 -12.48 -44.32
C ALA A 134 2.79 -11.80 -44.31
N THR A 135 3.67 -12.26 -45.21
CA THR A 135 5.00 -11.71 -45.38
C THR A 135 5.22 -11.41 -46.86
N ASN A 136 6.30 -10.67 -47.14
CA ASN A 136 6.64 -10.32 -48.51
C ASN A 136 7.35 -11.44 -49.26
N GLU A 137 7.75 -12.50 -48.56
CA GLU A 137 8.42 -13.64 -49.18
C GLU A 137 7.52 -14.85 -49.35
N THR A 138 6.24 -14.73 -49.00
CA THR A 138 5.28 -15.82 -49.10
C THR A 138 4.06 -15.35 -49.88
N GLY A 139 3.61 -16.20 -50.80
CA GLY A 139 2.46 -15.89 -51.64
C GLY A 139 1.13 -15.94 -50.92
N PRO A 140 0.04 -15.90 -51.68
CA PRO A 140 -1.31 -15.97 -51.09
C PRO A 140 -1.55 -17.28 -50.34
N LEU A 141 -2.29 -17.18 -49.24
CA LEU A 141 -2.55 -18.29 -48.34
C LEU A 141 -4.01 -18.71 -48.42
N GLN A 142 -4.24 -20.02 -48.40
CA GLN A 142 -5.59 -20.58 -48.38
C GLN A 142 -5.93 -20.97 -46.94
N GLN A 143 -7.10 -20.53 -46.46
CA GLN A 143 -7.50 -20.81 -45.09
C GLN A 143 -8.93 -21.34 -45.06
N LEU A 144 -9.19 -22.22 -44.11
CA LEU A 144 -10.49 -22.84 -43.93
C LEU A 144 -10.93 -22.70 -42.48
N ILE A 145 -12.20 -22.35 -42.29
CA ILE A 145 -12.83 -22.22 -40.98
C ILE A 145 -13.97 -23.22 -40.92
N PHE A 146 -14.01 -24.03 -39.87
CA PHE A 146 -15.10 -24.99 -39.68
C PHE A 146 -15.98 -24.54 -38.53
N VAL A 147 -17.29 -24.50 -38.76
CA VAL A 147 -18.25 -24.11 -37.73
C VAL A 147 -19.22 -25.25 -37.53
N ASP A 148 -19.27 -25.80 -36.31
CA ASP A 148 -20.17 -26.88 -35.96
C ASP A 148 -21.16 -26.38 -34.92
N VAL A 149 -22.44 -26.69 -35.15
CA VAL A 149 -23.53 -26.31 -34.25
C VAL A 149 -24.24 -27.58 -33.83
N ALA A 150 -24.50 -27.71 -32.53
CA ALA A 150 -25.14 -28.92 -32.02
C ALA A 150 -25.97 -28.57 -30.79
N SER A 151 -26.85 -29.50 -30.42
CA SER A 151 -27.70 -29.33 -29.25
C SER A 151 -27.98 -30.70 -28.65
N MET A 152 -28.66 -30.71 -27.51
CA MET A 152 -28.96 -31.93 -26.78
C MET A 152 -30.40 -31.90 -26.30
N ALA A 153 -31.31 -31.54 -27.22
CA ALA A 153 -32.71 -31.36 -26.86
C ALA A 153 -33.58 -32.43 -27.51
N PRO A 154 -34.68 -32.83 -26.85
CA PRO A 154 -35.54 -33.87 -27.44
C PRO A 154 -36.38 -33.36 -28.61
N LEU A 155 -36.82 -32.09 -28.58
CA LEU A 155 -37.67 -31.56 -29.63
C LEU A 155 -36.89 -30.74 -30.66
N GLY A 156 -36.15 -29.74 -30.22
CA GLY A 156 -35.31 -28.97 -31.13
C GLY A 156 -35.06 -27.58 -30.61
N ALA A 157 -34.19 -26.87 -31.32
CA ALA A 157 -33.90 -25.47 -31.04
C ALA A 157 -33.86 -24.70 -32.35
N GLN A 158 -33.66 -23.39 -32.25
CA GLN A 158 -33.58 -22.50 -33.40
C GLN A 158 -32.34 -21.61 -33.26
N TYR A 159 -31.61 -21.44 -34.36
CA TYR A 159 -30.38 -20.66 -34.35
C TYR A 159 -30.25 -19.89 -35.66
N LYS A 160 -29.49 -18.79 -35.60
CA LYS A 160 -29.21 -17.95 -36.75
C LYS A 160 -27.71 -17.63 -36.76
N LEU A 161 -27.06 -17.91 -37.90
CA LEU A 161 -25.62 -17.74 -38.05
C LEU A 161 -25.33 -16.71 -39.13
N LEU A 162 -24.38 -15.82 -38.86
CA LEU A 162 -23.96 -14.83 -39.86
C LEU A 162 -22.46 -14.61 -39.68
N VAL A 163 -21.69 -14.90 -40.73
CA VAL A 163 -20.24 -14.81 -40.71
C VAL A 163 -19.81 -13.79 -41.75
N THR A 164 -19.12 -12.74 -41.33
CA THR A 164 -18.78 -11.64 -42.21
C THR A 164 -17.35 -11.16 -41.96
N LYS A 165 -16.73 -10.64 -43.01
CA LYS A 165 -15.39 -10.08 -42.87
C LYS A 165 -15.46 -8.65 -42.34
N LEU A 166 -14.34 -8.17 -41.82
CA LEU A 166 -14.23 -6.82 -41.29
C LEU A 166 -13.50 -5.93 -42.31
N LYS A 167 -14.12 -4.81 -42.65
CA LYS A 167 -13.53 -3.88 -43.61
C LYS A 167 -12.62 -2.85 -42.95
N HIS A 168 -12.97 -2.40 -41.76
CA HIS A 168 -12.21 -1.37 -41.03
C HIS A 168 -11.61 -2.03 -39.79
N PHE A 169 -10.33 -2.38 -39.87
CA PHE A 169 -9.64 -3.07 -38.79
C PHE A 169 -8.44 -2.32 -38.23
N GLN A 170 -7.83 -1.42 -39.01
CA GLN A 170 -6.58 -0.78 -38.63
C GLN A 170 -6.83 0.69 -38.34
N LEU A 171 -6.42 1.13 -37.14
CA LEU A 171 -6.51 2.53 -36.76
C LEU A 171 -5.36 3.31 -37.38
N ARG A 172 -5.64 4.56 -37.76
CA ARG A 172 -4.64 5.44 -38.33
C ARG A 172 -4.41 6.64 -37.42
N THR A 173 -3.37 7.40 -37.72
CA THR A 173 -2.96 8.52 -36.88
C THR A 173 -3.87 9.72 -37.12
N ASN A 174 -4.39 10.29 -36.02
CA ASN A 174 -5.27 11.46 -36.01
C ASN A 174 -6.55 11.20 -36.82
N VAL A 175 -7.17 10.05 -36.56
CA VAL A 175 -8.44 9.68 -37.17
C VAL A 175 -9.31 9.06 -36.09
N ALA A 176 -10.54 9.56 -35.96
CA ALA A 176 -11.45 9.15 -34.90
C ALA A 176 -12.47 8.17 -35.46
N PHE A 177 -12.69 7.08 -34.75
CA PHE A 177 -13.65 6.07 -35.16
C PHE A 177 -14.98 6.25 -34.43
N HIS A 178 -15.94 5.39 -34.75
CA HIS A 178 -17.28 5.41 -34.16
C HIS A 178 -17.83 3.99 -34.21
N PHE A 179 -17.67 3.26 -33.13
CA PHE A 179 -18.17 1.90 -33.01
C PHE A 179 -19.20 1.82 -31.88
N THR A 180 -19.61 0.60 -31.54
CA THR A 180 -20.60 0.39 -30.48
C THR A 180 -20.33 -0.97 -29.83
N ALA A 181 -20.12 -0.95 -28.53
CA ALA A 181 -19.82 -2.14 -27.75
C ALA A 181 -21.03 -2.59 -26.94
N SER A 182 -20.82 -3.66 -26.19
CA SER A 182 -21.87 -4.39 -25.48
C SER A 182 -21.18 -5.31 -24.46
N PRO A 183 -21.86 -5.68 -23.36
CA PRO A 183 -21.19 -6.54 -22.36
C PRO A 183 -20.98 -7.97 -22.81
N SER A 184 -21.64 -8.41 -23.89
CA SER A 184 -21.41 -9.74 -24.44
C SER A 184 -20.86 -9.66 -25.86
N GLN A 185 -20.25 -8.52 -26.22
CA GLN A 185 -19.60 -8.33 -27.51
C GLN A 185 -18.36 -7.48 -27.32
N PRO A 186 -17.24 -8.09 -26.94
CA PRO A 186 -16.01 -7.31 -26.73
C PRO A 186 -15.23 -7.12 -28.02
N GLN A 187 -14.44 -6.05 -28.06
CA GLN A 187 -13.84 -5.60 -29.30
C GLN A 187 -12.33 -5.46 -29.13
N TYR A 188 -11.62 -5.52 -30.26
CA TYR A 188 -10.18 -5.30 -30.27
C TYR A 188 -9.77 -4.78 -31.63
N PHE A 189 -8.74 -3.93 -31.62
CA PHE A 189 -8.21 -3.30 -32.83
C PHE A 189 -6.69 -3.35 -32.78
N LEU A 190 -6.07 -3.02 -33.91
CA LEU A 190 -4.62 -3.12 -34.09
C LEU A 190 -4.07 -1.74 -34.44
N TYR A 191 -2.88 -1.44 -33.91
CA TYR A 191 -2.20 -0.20 -34.28
C TYR A 191 -0.72 -0.47 -34.52
N LYS A 192 -0.18 0.19 -35.53
CA LYS A 192 1.22 0.09 -35.92
C LYS A 192 1.91 1.43 -35.70
N PHE A 193 3.10 1.40 -35.11
CA PHE A 193 3.87 2.61 -34.88
C PHE A 193 4.39 3.17 -36.20
N PRO A 194 4.47 4.50 -36.33
CA PRO A 194 5.10 5.10 -37.51
C PRO A 194 6.61 5.03 -37.45
N LYS A 195 7.28 5.69 -38.41
CA LYS A 195 8.73 5.64 -38.49
C LYS A 195 9.42 6.76 -37.71
N ASP A 196 8.69 7.82 -37.37
CA ASP A 196 9.22 8.94 -36.61
C ASP A 196 8.65 9.05 -35.21
N VAL A 197 7.34 8.81 -35.07
CA VAL A 197 6.68 8.87 -33.77
C VAL A 197 7.21 7.75 -32.87
N ASP A 198 7.62 8.12 -31.65
CA ASP A 198 8.11 7.15 -30.68
C ASP A 198 7.24 7.06 -29.43
N SER A 199 6.12 7.79 -29.37
CA SER A 199 5.20 7.69 -28.24
C SER A 199 3.83 8.16 -28.71
N VAL A 200 2.81 7.55 -28.11
CA VAL A 200 1.42 7.80 -28.51
C VAL A 200 0.54 7.92 -27.28
N ILE A 201 -0.45 8.81 -27.35
CA ILE A 201 -1.49 8.91 -26.33
C ILE A 201 -2.79 8.43 -26.94
N ILE A 202 -3.42 7.45 -26.29
CA ILE A 202 -4.71 6.92 -26.68
C ILE A 202 -5.76 7.53 -25.78
N LYS A 203 -6.76 8.18 -26.37
CA LYS A 203 -7.82 8.85 -25.63
C LYS A 203 -9.15 8.19 -26.00
N VAL A 204 -9.84 7.67 -24.99
CA VAL A 204 -11.13 7.00 -25.17
C VAL A 204 -12.18 7.79 -24.41
N VAL A 205 -13.29 8.09 -25.08
CA VAL A 205 -14.32 8.99 -24.59
C VAL A 205 -15.68 8.33 -24.82
N SER A 206 -16.45 8.16 -23.74
CA SER A 206 -17.80 7.63 -23.80
C SER A 206 -18.79 8.77 -24.00
N GLU A 207 -20.10 8.52 -23.84
CA GLU A 207 -21.04 9.62 -24.08
C GLU A 207 -21.90 9.96 -22.87
N MET A 208 -22.64 9.01 -22.30
CA MET A 208 -23.55 9.45 -21.25
C MET A 208 -22.94 9.42 -19.86
N ALA A 209 -22.96 8.24 -19.22
CA ALA A 209 -22.20 8.00 -17.99
C ALA A 209 -21.83 6.53 -17.86
N TYR A 210 -22.67 5.67 -18.42
CA TYR A 210 -22.85 4.27 -18.02
C TYR A 210 -23.08 3.40 -19.24
N PRO A 211 -22.49 2.19 -19.29
CA PRO A 211 -21.89 1.42 -18.21
C PRO A 211 -20.37 1.46 -18.18
N CYS A 212 -19.74 0.93 -17.14
CA CYS A 212 -18.29 0.99 -17.04
C CYS A 212 -17.64 0.01 -18.01
N SER A 213 -16.33 0.15 -18.18
CA SER A 213 -15.59 -0.64 -19.16
C SER A 213 -14.14 -0.75 -18.70
N VAL A 214 -13.43 -1.66 -19.36
CA VAL A 214 -12.00 -1.87 -19.14
C VAL A 214 -11.33 -1.83 -20.51
N VAL A 215 -10.21 -1.11 -20.59
CA VAL A 215 -9.43 -0.98 -21.81
C VAL A 215 -8.05 -1.56 -21.54
N SER A 216 -7.56 -2.39 -22.45
CA SER A 216 -6.28 -3.05 -22.30
C SER A 216 -5.42 -2.83 -23.53
N VAL A 217 -4.10 -2.91 -23.33
CA VAL A 217 -3.12 -2.80 -24.40
C VAL A 217 -2.22 -4.03 -24.33
N GLN A 218 -2.33 -4.90 -25.32
CA GLN A 218 -1.57 -6.14 -25.37
C GLN A 218 -0.63 -6.13 -26.57
N ASN A 219 0.30 -7.08 -26.57
CA ASN A 219 1.26 -7.22 -27.66
C ASN A 219 0.70 -8.14 -28.74
N ILE A 220 1.45 -8.27 -29.83
CA ILE A 220 0.92 -8.88 -31.05
C ILE A 220 1.25 -10.39 -31.00
N MET A 221 0.29 -11.14 -30.45
CA MET A 221 0.22 -12.60 -30.51
C MET A 221 -1.25 -12.95 -30.72
N CYS A 222 -1.60 -14.23 -30.61
CA CYS A 222 -3.01 -14.62 -30.59
C CYS A 222 -3.35 -15.80 -29.69
N PRO A 223 -2.99 -15.77 -28.36
CA PRO A 223 -3.96 -16.23 -27.36
C PRO A 223 -4.72 -15.05 -26.78
N VAL A 224 -5.44 -14.31 -27.64
CA VAL A 224 -6.00 -13.01 -27.27
C VAL A 224 -7.04 -13.16 -26.16
N TYR A 225 -7.01 -12.23 -25.22
CA TYR A 225 -7.85 -12.27 -24.02
C TYR A 225 -8.95 -11.22 -24.16
N ASP A 226 -10.15 -11.67 -24.49
CA ASP A 226 -11.29 -10.77 -24.64
C ASP A 226 -12.40 -11.01 -23.62
N LEU A 227 -12.35 -12.11 -22.89
CA LEU A 227 -13.30 -12.34 -21.82
C LEU A 227 -12.97 -11.49 -20.61
N ASP A 228 -13.98 -11.27 -19.76
CA ASP A 228 -13.85 -10.31 -18.66
C ASP A 228 -12.96 -10.84 -17.53
N HIS A 229 -12.99 -12.16 -17.29
CA HIS A 229 -12.27 -12.72 -16.15
C HIS A 229 -10.76 -12.84 -16.37
N ASN A 230 -10.29 -12.78 -17.62
CA ASN A 230 -8.87 -12.88 -17.89
C ASN A 230 -8.33 -11.67 -18.66
N VAL A 231 -9.05 -10.54 -18.63
CA VAL A 231 -8.60 -9.36 -19.35
C VAL A 231 -7.46 -8.66 -18.61
N GLU A 232 -7.29 -8.90 -17.31
CA GLU A 232 -6.28 -8.24 -16.51
C GLU A 232 -5.02 -9.09 -16.33
N PHE A 233 -4.88 -10.16 -17.10
CA PHE A 233 -3.71 -11.03 -16.96
C PHE A 233 -2.45 -10.36 -17.49
N ASN A 234 -2.50 -9.82 -18.70
CA ASN A 234 -1.36 -9.18 -19.33
C ASN A 234 -1.73 -7.77 -19.78
N GLY A 235 -0.73 -6.90 -19.78
CA GLY A 235 -0.86 -5.61 -20.43
C GLY A 235 -1.35 -4.52 -19.49
N VAL A 236 -1.11 -3.27 -19.90
CA VAL A 236 -1.65 -2.12 -19.20
C VAL A 236 -3.16 -2.08 -19.41
N TYR A 237 -3.91 -1.97 -18.31
CA TYR A 237 -5.37 -1.91 -18.37
C TYR A 237 -5.87 -0.80 -17.46
N GLN A 238 -6.97 -0.18 -17.87
CA GLN A 238 -7.60 0.90 -17.12
C GLN A 238 -9.11 0.73 -17.10
N SER A 239 -9.69 0.93 -15.92
CA SER A 239 -11.14 1.07 -15.80
C SER A 239 -11.57 2.47 -16.22
N MET A 240 -12.68 2.54 -16.96
CA MET A 240 -13.17 3.81 -17.50
C MET A 240 -14.68 3.83 -17.44
N THR A 241 -15.26 4.97 -17.03
CA THR A 241 -16.69 5.17 -17.18
C THR A 241 -17.05 6.30 -18.13
N LYS A 242 -16.23 7.34 -18.25
CA LYS A 242 -16.48 8.37 -19.26
C LYS A 242 -15.22 8.72 -20.05
N LYS A 243 -14.05 8.66 -19.40
CA LYS A 243 -12.80 9.08 -20.03
C LYS A 243 -11.69 8.10 -19.69
N ALA A 244 -10.73 7.98 -20.61
CA ALA A 244 -9.55 7.18 -20.40
C ALA A 244 -8.42 7.72 -21.25
N ALA A 245 -7.20 7.70 -20.72
CA ALA A 245 -6.02 8.17 -21.45
C ALA A 245 -4.84 7.26 -21.10
N ILE A 246 -4.23 6.67 -22.12
CA ILE A 246 -3.11 5.74 -21.96
C ILE A 246 -1.92 6.29 -22.72
N THR A 247 -0.74 6.24 -22.10
CA THR A 247 0.50 6.68 -22.72
C THR A 247 1.36 5.48 -23.05
N LEU A 248 1.83 5.40 -24.29
CA LEU A 248 2.61 4.26 -24.76
C LEU A 248 3.87 4.74 -25.46
N GLN A 249 4.90 3.90 -25.41
CA GLN A 249 6.22 4.19 -25.95
C GLN A 249 6.59 3.14 -26.99
N LYS A 250 7.59 3.47 -27.80
CA LYS A 250 7.98 2.61 -28.91
C LYS A 250 9.00 1.55 -28.53
N LYS A 251 9.80 1.80 -27.49
CA LYS A 251 10.89 0.89 -27.13
C LYS A 251 10.44 -0.32 -26.32
N ASP A 252 9.17 -0.40 -25.94
CA ASP A 252 8.67 -1.45 -25.07
C ASP A 252 7.83 -2.49 -25.81
N PHE A 253 7.69 -2.37 -27.13
CA PHE A 253 6.84 -3.26 -27.91
C PHE A 253 7.66 -3.93 -28.99
N PRO A 254 7.79 -5.27 -28.99
CA PRO A 254 8.57 -5.95 -30.03
C PRO A 254 7.77 -6.12 -31.32
N GLY A 255 8.23 -5.44 -32.37
CA GLY A 255 7.54 -5.45 -33.65
C GLY A 255 6.74 -4.21 -33.95
N GLU A 256 6.59 -3.30 -32.98
CA GLU A 256 5.98 -1.98 -33.13
C GLU A 256 4.50 -2.06 -33.52
N GLN A 257 3.82 -3.13 -33.09
CA GLN A 257 2.39 -3.29 -33.30
C GLN A 257 1.77 -3.72 -31.99
N PHE A 258 0.54 -3.27 -31.74
CA PHE A 258 -0.13 -3.67 -30.51
C PHE A 258 -1.64 -3.74 -30.73
N PHE A 259 -2.31 -4.38 -29.76
CA PHE A 259 -3.75 -4.60 -29.77
C PHE A 259 -4.39 -3.77 -28.66
N VAL A 260 -5.42 -3.01 -29.02
CA VAL A 260 -6.23 -2.26 -28.05
C VAL A 260 -7.53 -3.03 -27.88
N VAL A 261 -7.84 -3.41 -26.64
CA VAL A 261 -8.98 -4.28 -26.34
C VAL A 261 -9.97 -3.50 -25.47
N PHE A 262 -11.23 -3.50 -25.89
CA PHE A 262 -12.32 -2.87 -25.16
C PHE A 262 -13.28 -3.95 -24.66
N VAL A 263 -13.59 -3.93 -23.37
CA VAL A 263 -14.54 -4.89 -22.80
C VAL A 263 -15.45 -4.12 -21.84
N ILE A 264 -16.73 -4.47 -21.81
CA ILE A 264 -17.74 -3.76 -21.03
C ILE A 264 -18.03 -4.54 -19.75
N LYS A 265 -18.11 -3.84 -18.61
CA LYS A 265 -18.34 -4.53 -17.35
C LYS A 265 -19.83 -4.84 -17.21
N PRO A 266 -20.18 -6.03 -16.71
CA PRO A 266 -21.61 -6.36 -16.55
C PRO A 266 -22.28 -5.60 -15.41
N GLU A 267 -21.62 -5.48 -14.26
CA GLU A 267 -22.20 -4.82 -13.09
C GLU A 267 -21.32 -3.65 -12.69
N ASP A 268 -21.91 -2.46 -12.64
CA ASP A 268 -21.18 -1.23 -12.29
C ASP A 268 -21.18 -1.07 -10.78
N TYR A 269 -20.26 -1.79 -10.14
CA TYR A 269 -20.05 -1.71 -8.69
C TYR A 269 -18.72 -1.06 -8.33
N ALA A 270 -17.66 -1.38 -9.07
CA ALA A 270 -16.33 -0.84 -8.78
C ALA A 270 -16.26 0.66 -8.98
N CYS A 271 -17.00 1.20 -9.95
CA CYS A 271 -16.98 2.62 -10.23
C CYS A 271 -17.77 3.44 -9.22
N GLY A 272 -18.57 2.82 -8.36
CA GLY A 272 -19.25 3.51 -7.29
C GLY A 272 -20.77 3.48 -7.35
N GLY A 273 -21.37 3.03 -8.45
CA GLY A 273 -22.80 3.10 -8.61
C GLY A 273 -23.56 1.97 -7.94
N SER A 274 -24.55 1.43 -8.65
CA SER A 274 -25.42 0.40 -8.10
C SER A 274 -25.68 -0.61 -9.21
N PHE A 275 -26.70 -1.45 -9.00
CA PHE A 275 -27.19 -2.46 -9.95
C PHE A 275 -26.10 -3.48 -10.31
N ASN A 286 -30.43 -6.56 -18.74
CA ASN A 286 -31.22 -7.79 -18.76
C ASN A 286 -31.66 -8.07 -20.19
N LEU A 287 -32.00 -7.01 -20.92
CA LEU A 287 -32.35 -7.14 -22.34
C LEU A 287 -31.18 -6.79 -23.24
N GLN A 288 -30.60 -5.59 -23.06
CA GLN A 288 -29.44 -5.08 -23.77
C GLN A 288 -28.92 -3.86 -23.03
N ARG A 289 -27.60 -3.69 -23.00
CA ARG A 289 -26.99 -2.55 -22.32
C ARG A 289 -26.53 -1.49 -23.32
N LYS A 290 -25.56 -1.84 -24.18
CA LYS A 290 -25.02 -1.08 -25.31
C LYS A 290 -24.13 0.08 -24.85
N LYS A 291 -23.17 0.48 -25.69
CA LYS A 291 -22.31 1.61 -25.34
C LYS A 291 -21.71 2.19 -26.62
N ASN A 292 -21.59 3.51 -26.66
CA ASN A 292 -21.07 4.23 -27.83
C ASN A 292 -19.79 4.94 -27.43
N LEU A 293 -18.65 4.38 -27.82
CA LEU A 293 -17.34 4.90 -27.46
C LEU A 293 -16.77 5.77 -28.57
N GLU A 294 -15.56 6.30 -28.34
CA GLU A 294 -14.83 7.03 -29.35
C GLU A 294 -13.35 7.03 -28.98
N VAL A 295 -12.49 6.63 -29.92
CA VAL A 295 -11.08 6.42 -29.66
C VAL A 295 -10.28 7.33 -30.59
N THR A 296 -9.24 7.97 -30.06
CA THR A 296 -8.38 8.85 -30.83
C THR A 296 -6.93 8.64 -30.43
N ILE A 297 -6.06 8.48 -31.41
CA ILE A 297 -4.62 8.31 -31.20
C ILE A 297 -3.92 9.61 -31.57
N VAL A 298 -3.13 10.16 -30.65
CA VAL A 298 -2.41 11.41 -30.92
C VAL A 298 -0.92 11.23 -30.62
N PRO A 299 -0.04 11.94 -31.32
CA PRO A 299 1.39 11.89 -31.01
C PRO A 299 1.70 12.72 -29.75
N SER A 300 2.97 12.67 -29.35
CA SER A 300 3.44 13.34 -28.15
C SER A 300 4.43 14.44 -28.51
N ILE A 301 4.77 15.26 -27.51
CA ILE A 301 5.61 16.43 -27.73
C ILE A 301 7.06 16.02 -27.95
N LYS A 302 7.83 16.94 -28.52
CA LYS A 302 9.24 16.70 -28.84
C LYS A 302 10.11 16.91 -27.60
N GLU A 303 11.42 16.98 -27.81
CA GLU A 303 12.38 17.15 -26.73
C GLU A 303 12.73 18.62 -26.47
N SER A 304 12.43 19.50 -27.43
CA SER A 304 12.77 20.92 -27.30
C SER A 304 11.95 21.61 -26.21
N VAL A 305 10.71 21.15 -25.99
CA VAL A 305 9.83 21.76 -25.00
C VAL A 305 10.38 21.53 -23.59
N TYR A 306 11.00 20.37 -23.35
CA TYR A 306 11.61 20.04 -22.06
C TYR A 306 12.78 20.95 -21.71
N VAL A 307 13.39 21.59 -22.70
CA VAL A 307 14.46 22.56 -22.45
C VAL A 307 13.89 23.97 -22.39
N LYS A 308 12.97 24.29 -23.32
CA LYS A 308 12.41 25.64 -23.42
C LYS A 308 11.49 25.97 -22.25
N SER A 309 11.01 24.98 -21.50
CA SER A 309 10.21 25.24 -20.32
C SER A 309 11.06 25.30 -19.05
N SER A 310 12.07 24.44 -18.94
CA SER A 310 12.95 24.47 -17.78
C SER A 310 13.84 25.72 -17.78
N LEU A 311 14.20 26.21 -18.96
CA LEU A 311 14.97 27.45 -19.03
C LEU A 311 14.12 28.63 -18.59
N PHE A 312 12.83 28.63 -18.95
CA PHE A 312 11.94 29.69 -18.48
C PHE A 312 11.71 29.59 -16.97
N SER A 313 11.50 28.36 -16.48
CA SER A 313 11.19 28.11 -15.08
C SER A 313 12.43 28.10 -14.18
N VAL A 314 13.59 28.47 -14.74
CA VAL A 314 14.77 28.76 -13.95
C VAL A 314 15.36 30.12 -14.30
N PHE A 315 14.84 30.80 -15.32
CA PHE A 315 15.21 32.16 -15.66
C PHE A 315 14.12 33.18 -15.34
N ILE A 316 13.05 32.78 -14.64
CA ILE A 316 12.04 33.75 -14.23
C ILE A 316 12.23 34.15 -12.75
N PHE A 317 13.00 33.38 -11.99
CA PHE A 317 13.19 33.65 -10.57
C PHE A 317 14.56 34.25 -10.25
N LEU A 318 15.33 34.65 -11.27
CA LEU A 318 16.56 35.42 -11.05
C LEU A 318 16.36 36.91 -11.30
N SER A 319 15.26 37.29 -11.96
CA SER A 319 14.92 38.70 -12.09
C SER A 319 14.61 39.34 -10.75
N PHE A 320 14.07 38.56 -9.80
CA PHE A 320 13.87 39.06 -8.43
C PHE A 320 15.21 39.32 -7.76
N TYR A 321 16.19 38.44 -7.97
CA TYR A 321 17.54 38.65 -7.43
C TYR A 321 18.19 39.91 -8.02
N LEU A 322 18.12 40.05 -9.35
CA LEU A 322 18.65 41.24 -10.01
C LEU A 322 17.95 42.52 -9.54
N GLY A 323 16.63 42.47 -9.37
CA GLY A 323 15.89 43.63 -8.88
C GLY A 323 16.25 44.01 -7.46
N CYS A 324 16.33 43.01 -6.56
CA CYS A 324 16.70 43.27 -5.17
C CYS A 324 18.11 43.83 -5.06
N LEU A 325 19.05 43.27 -5.84
CA LEU A 325 20.42 43.81 -5.90
C LEU A 325 20.43 45.26 -6.38
N LEU A 326 19.69 45.54 -7.47
CA LEU A 326 19.63 46.90 -8.02
C LEU A 326 19.04 47.89 -7.03
N VAL A 327 17.97 47.50 -6.32
CA VAL A 327 17.35 48.37 -5.33
C VAL A 327 18.29 48.58 -4.13
N GLY A 328 18.98 47.52 -3.70
CA GLY A 328 19.84 47.63 -2.53
C GLY A 328 21.08 48.48 -2.79
N PHE A 329 21.78 48.21 -3.88
CA PHE A 329 23.04 48.91 -4.16
C PHE A 329 22.81 50.18 -5.00
N VAL A 330 21.93 51.04 -4.51
CA VAL A 330 21.69 52.33 -5.16
C VAL A 330 21.66 53.44 -4.10
N HIS A 331 21.68 53.03 -2.83
CA HIS A 331 21.59 53.95 -1.69
C HIS A 331 22.75 54.95 -1.66
N TYR A 332 22.41 56.23 -1.81
CA TYR A 332 23.34 57.36 -1.85
C TYR A 332 24.41 57.18 -2.92
N LEU A 333 24.01 56.60 -4.06
CA LEU A 333 24.85 56.27 -5.21
C LEU A 333 26.11 55.48 -4.82
N ARG A 334 25.91 54.47 -3.98
CA ARG A 334 27.01 53.61 -3.57
C ARG A 334 27.33 52.58 -4.64
N ILE A 443 19.85 29.46 20.17
CA ILE A 443 20.18 28.26 19.40
C ILE A 443 18.99 27.30 19.41
N TYR A 444 17.78 27.86 19.46
CA TYR A 444 16.57 27.05 19.37
C TYR A 444 16.44 26.35 18.03
N PHE A 445 16.93 26.99 16.96
CA PHE A 445 16.89 26.41 15.61
C PHE A 445 17.62 25.08 15.52
N TRP A 446 18.71 24.93 16.29
CA TRP A 446 19.49 23.70 16.30
C TRP A 446 18.68 22.50 16.77
N ASN A 447 17.73 22.70 17.68
CA ASN A 447 16.88 21.62 18.17
C ASN A 447 15.62 21.42 17.33
N ILE A 448 15.59 21.97 16.11
CA ILE A 448 14.45 21.79 15.22
C ILE A 448 14.81 20.90 14.03
N ILE A 449 16.09 20.83 13.64
CA ILE A 449 16.55 19.96 12.56
C ILE A 449 16.35 18.50 12.93
N THR A 450 16.66 18.13 14.19
CA THR A 450 16.48 16.76 14.67
C THR A 450 15.02 16.32 14.66
N ILE A 451 14.07 17.25 14.73
CA ILE A 451 12.66 16.90 14.62
C ILE A 451 12.21 16.92 13.17
N ALA A 452 12.79 17.83 12.35
CA ALA A 452 12.47 17.89 10.93
C ALA A 452 12.98 16.67 10.17
N VAL A 453 14.00 15.98 10.67
CA VAL A 453 14.50 14.78 9.99
C VAL A 453 13.83 13.54 10.56
N PHE A 454 12.81 13.73 11.40
CA PHE A 454 12.02 12.61 11.90
C PHE A 454 10.76 12.36 11.09
N TYR A 455 10.15 13.41 10.55
CA TYR A 455 8.86 13.33 9.87
C TYR A 455 8.99 13.34 8.35
N ALA A 456 10.13 12.91 7.82
CA ALA A 456 10.34 12.91 6.38
C ALA A 456 10.70 11.54 5.80
N LEU A 457 11.43 10.71 6.56
CA LEU A 457 11.91 9.41 6.09
C LEU A 457 10.83 8.36 5.80
N PRO A 458 9.70 8.29 6.52
CA PRO A 458 8.60 7.43 6.03
C PRO A 458 8.06 7.83 4.65
N VAL A 459 8.05 9.12 4.33
CA VAL A 459 7.63 9.55 2.99
C VAL A 459 8.62 9.06 1.93
N ILE A 460 9.92 9.16 2.21
CA ILE A 460 10.95 8.78 1.25
C ILE A 460 11.35 7.32 1.49
N GLN A 461 10.50 6.58 2.18
CA GLN A 461 10.49 5.13 2.09
C GLN A 461 9.19 4.56 1.54
N LEU A 462 8.09 5.33 1.55
CA LEU A 462 6.80 4.85 1.06
C LEU A 462 6.54 5.25 -0.39
N VAL A 463 6.97 6.45 -0.80
CA VAL A 463 6.57 6.99 -2.10
C VAL A 463 7.26 6.24 -3.24
N ILE A 464 8.58 6.02 -3.13
CA ILE A 464 9.30 5.32 -4.19
C ILE A 464 8.90 3.85 -4.22
N THR A 465 8.53 3.28 -3.07
CA THR A 465 8.01 1.91 -3.03
C THR A 465 6.68 1.81 -3.75
N TYR A 466 5.77 2.76 -3.52
CA TYR A 466 4.51 2.80 -4.25
C TYR A 466 4.72 3.02 -5.74
N GLN A 467 5.67 3.89 -6.10
CA GLN A 467 5.99 4.14 -7.51
C GLN A 467 6.53 2.89 -8.20
N THR A 468 7.39 2.14 -7.49
CA THR A 468 7.92 0.88 -8.03
C THR A 468 6.82 -0.17 -8.17
N VAL A 469 5.89 -0.22 -7.21
CA VAL A 469 4.75 -1.14 -7.29
C VAL A 469 3.88 -0.83 -8.50
N VAL A 470 3.57 0.46 -8.71
CA VAL A 470 2.78 0.87 -9.87
C VAL A 470 3.53 0.59 -11.18
N ASN A 471 4.84 0.82 -11.20
CA ASN A 471 5.62 0.61 -12.40
C ASN A 471 6.00 -0.84 -12.65
N VAL A 472 5.67 -1.75 -11.73
CA VAL A 472 5.96 -3.17 -11.89
C VAL A 472 4.69 -3.98 -12.17
N THR A 473 3.65 -3.82 -11.33
CA THR A 473 2.54 -4.77 -11.40
C THR A 473 1.63 -4.53 -12.61
N GLY A 474 1.56 -3.30 -13.12
CA GLY A 474 0.78 -2.98 -14.30
C GLY A 474 -0.44 -2.12 -14.02
N ASN A 475 -1.08 -2.32 -12.86
CA ASN A 475 -2.30 -1.62 -12.47
C ASN A 475 -2.11 -0.12 -12.36
N GLN A 476 -2.74 0.64 -13.25
CA GLN A 476 -2.70 2.11 -13.19
C GLN A 476 -3.95 2.64 -12.49
N ASP A 477 -4.14 2.17 -11.25
CA ASP A 477 -5.30 2.55 -10.45
C ASP A 477 -4.94 2.81 -8.99
N ILE A 478 -3.65 3.00 -8.69
CA ILE A 478 -3.21 3.22 -7.32
C ILE A 478 -2.84 4.68 -7.06
N CYS A 479 -2.35 5.41 -8.06
CA CYS A 479 -2.04 6.82 -7.93
C CYS A 479 -3.07 7.64 -8.69
N TYR A 480 -3.23 8.89 -8.27
CA TYR A 480 -4.26 9.79 -8.80
C TYR A 480 -3.57 10.96 -9.49
N TYR A 481 -3.20 10.79 -10.75
CA TYR A 481 -2.56 11.84 -11.51
C TYR A 481 -3.60 12.64 -12.28
N ASN A 482 -3.12 13.53 -13.15
CA ASN A 482 -3.92 14.15 -14.20
C ASN A 482 -3.49 13.49 -15.51
N PHE A 483 -4.33 12.61 -16.03
CA PHE A 483 -3.93 11.68 -17.08
C PHE A 483 -3.86 12.31 -18.46
N LEU A 484 -4.18 13.60 -18.60
CA LEU A 484 -3.99 14.31 -19.85
C LEU A 484 -2.81 15.27 -19.81
N CYS A 485 -2.23 15.54 -18.64
CA CYS A 485 -1.08 16.42 -18.51
C CYS A 485 -0.05 15.80 -17.56
N ALA A 486 0.22 14.52 -17.72
CA ALA A 486 1.26 13.83 -16.94
C ALA A 486 2.38 13.44 -17.89
N HIS A 487 3.36 14.32 -18.03
CA HIS A 487 4.50 14.04 -18.89
C HIS A 487 5.50 13.15 -18.16
N PRO A 488 5.97 12.05 -18.77
CA PRO A 488 6.92 11.18 -18.09
C PRO A 488 8.38 11.49 -18.44
N LEU A 489 9.27 11.29 -17.48
CA LEU A 489 10.71 11.36 -17.75
C LEU A 489 11.42 10.41 -16.79
N GLY A 490 12.16 9.46 -17.34
CA GLY A 490 12.90 8.50 -16.54
C GLY A 490 11.97 7.59 -15.73
N VAL A 491 12.33 7.37 -14.46
CA VAL A 491 11.49 6.60 -13.56
C VAL A 491 10.23 7.38 -13.21
N LEU A 492 10.35 8.70 -13.07
CA LEU A 492 9.21 9.56 -12.75
C LEU A 492 8.21 9.60 -13.89
N SER A 493 6.92 9.53 -13.53
CA SER A 493 5.85 9.55 -14.51
C SER A 493 5.11 10.88 -14.56
N ALA A 494 5.48 11.83 -13.72
CA ALA A 494 4.87 13.17 -13.71
C ALA A 494 6.00 14.18 -13.47
N PHE A 495 6.54 14.72 -14.56
CA PHE A 495 7.63 15.69 -14.49
C PHE A 495 7.16 17.11 -14.77
N ASN A 496 5.90 17.41 -14.43
CA ASN A 496 5.39 18.78 -14.44
C ASN A 496 4.83 19.20 -13.09
N ASN A 497 4.96 18.35 -12.07
CA ASN A 497 4.60 18.69 -10.70
C ASN A 497 5.77 18.56 -9.75
N ILE A 498 6.98 18.38 -10.28
CA ILE A 498 8.19 18.29 -9.47
C ILE A 498 9.20 19.39 -9.82
N LEU A 499 9.01 20.07 -10.95
CA LEU A 499 9.87 21.18 -11.35
C LEU A 499 9.22 22.53 -11.11
N SER A 500 7.94 22.54 -10.70
CA SER A 500 7.29 23.78 -10.32
C SER A 500 7.41 24.07 -8.83
N ASN A 501 7.71 23.06 -8.02
CA ASN A 501 8.01 23.23 -6.60
C ASN A 501 9.43 23.73 -6.34
N LEU A 502 10.18 24.08 -7.39
CA LEU A 502 11.52 24.64 -7.26
C LEU A 502 11.49 26.14 -6.91
N GLY A 503 10.29 26.73 -6.82
CA GLY A 503 10.19 28.12 -6.42
C GLY A 503 10.35 28.33 -4.93
N HIS A 504 9.90 27.37 -4.12
CA HIS A 504 9.97 27.49 -2.66
C HIS A 504 11.42 27.49 -2.19
N VAL A 505 12.21 26.50 -2.62
CA VAL A 505 13.58 26.35 -2.16
C VAL A 505 14.55 27.32 -2.82
N LEU A 506 14.06 28.20 -3.69
CA LEU A 506 14.87 29.25 -4.28
C LEU A 506 14.42 30.65 -3.87
N LEU A 507 13.15 30.83 -3.50
CA LEU A 507 12.69 32.09 -2.94
C LEU A 507 12.63 32.06 -1.42
N GLY A 508 13.08 30.98 -0.79
CA GLY A 508 13.30 30.98 0.63
C GLY A 508 14.75 31.20 0.98
N PHE A 509 15.50 31.80 0.04
CA PHE A 509 16.92 32.05 0.21
C PHE A 509 17.27 33.53 0.05
N LEU A 510 16.29 34.38 -0.28
CA LEU A 510 16.52 35.81 -0.26
C LEU A 510 16.28 36.43 1.10
N PHE A 511 15.63 35.70 2.02
CA PHE A 511 15.57 36.16 3.40
C PHE A 511 16.88 35.96 4.14
N LEU A 512 17.56 34.82 3.91
CA LEU A 512 18.85 34.59 4.56
C LEU A 512 20.01 35.10 3.71
N LEU A 513 19.81 36.30 3.17
CA LEU A 513 20.86 37.15 2.62
C LEU A 513 20.61 38.61 2.93
N ILE A 514 19.38 38.96 3.32
CA ILE A 514 19.00 40.32 3.66
C ILE A 514 18.89 40.50 5.17
N VAL A 515 18.17 39.60 5.85
CA VAL A 515 18.02 39.74 7.30
C VAL A 515 19.34 39.41 8.02
N LEU A 516 20.20 38.58 7.41
CA LEU A 516 21.51 38.34 8.00
C LEU A 516 22.41 39.57 7.86
N ARG A 517 22.29 40.28 6.73
CA ARG A 517 23.03 41.52 6.55
C ARG A 517 22.52 42.60 7.50
N ARG A 518 21.20 42.63 7.73
CA ARG A 518 20.61 43.57 8.67
C ARG A 518 21.05 43.26 10.10
N ASP A 519 21.11 41.98 10.45
CA ASP A 519 21.62 41.56 11.77
C ASP A 519 23.08 41.97 11.95
N ILE A 520 23.91 41.76 10.92
CA ILE A 520 25.32 42.12 10.98
C ILE A 520 25.49 43.63 11.13
N LEU A 521 24.71 44.40 10.36
CA LEU A 521 24.76 45.86 10.43
C LEU A 521 24.28 46.38 11.78
N HIS A 522 23.21 45.79 12.32
CA HIS A 522 22.67 46.26 13.59
C HIS A 522 23.59 45.90 14.76
N ARG A 523 24.18 44.70 14.74
CA ARG A 523 25.16 44.33 15.77
C ARG A 523 26.41 45.20 15.69
N ARG A 524 26.89 45.49 14.48
CA ARG A 524 28.01 46.41 14.30
C ARG A 524 27.69 47.80 14.84
N ALA A 525 26.50 48.32 14.52
CA ALA A 525 26.07 49.62 15.03
C ALA A 525 25.93 49.62 16.54
N LEU A 526 25.49 48.50 17.12
CA LEU A 526 25.43 48.40 18.59
C LEU A 526 26.84 48.36 19.18
N GLU A 527 27.77 47.69 18.51
CA GLU A 527 29.14 47.57 19.00
C GLU A 527 29.86 48.92 18.98
N ALA A 528 29.69 49.69 17.90
CA ALA A 528 30.39 50.97 17.76
C ALA A 528 29.56 52.15 18.25
N LYS A 529 28.43 52.40 17.62
CA LYS A 529 27.58 53.54 17.96
C LYS A 529 26.69 53.19 19.16
N ASP A 530 26.00 54.21 19.66
CA ASP A 530 25.03 54.03 20.74
C ASP A 530 23.68 53.74 20.09
N ILE A 531 23.29 52.46 20.08
CA ILE A 531 22.04 52.05 19.44
C ILE A 531 20.83 52.32 20.33
N PHE A 532 21.03 52.75 21.58
CA PHE A 532 19.91 53.02 22.47
C PHE A 532 19.37 54.44 22.30
N ALA A 533 19.97 55.20 21.39
CA ALA A 533 19.55 56.57 21.13
C ALA A 533 18.63 56.61 19.92
N VAL A 534 17.41 57.10 20.13
CA VAL A 534 16.38 57.36 19.12
C VAL A 534 15.90 56.07 18.49
N GLU A 535 15.80 55.01 19.29
CA GLU A 535 15.42 53.70 18.77
C GLU A 535 13.95 53.45 19.06
N TYR A 536 13.45 52.28 18.66
CA TYR A 536 12.04 51.93 18.81
C TYR A 536 11.91 50.58 19.49
N GLY A 537 11.78 50.59 20.82
CA GLY A 537 11.38 49.45 21.62
C GLY A 537 12.20 48.18 21.51
N ILE A 538 13.45 48.21 22.00
CA ILE A 538 14.38 47.08 22.06
C ILE A 538 14.64 46.54 20.66
N PRO A 539 15.45 47.26 19.83
CA PRO A 539 15.67 46.89 18.42
C PRO A 539 16.15 45.46 18.13
N LYS A 540 16.67 44.75 19.13
CA LYS A 540 16.98 43.33 18.96
C LYS A 540 15.66 42.57 18.85
N HIS A 541 15.34 42.10 17.64
CA HIS A 541 14.04 41.51 17.38
C HIS A 541 14.08 40.23 16.56
N PHE A 542 15.24 39.82 16.04
CA PHE A 542 15.33 38.71 15.10
C PHE A 542 15.23 37.37 15.83
N GLY A 543 15.52 36.29 15.11
CA GLY A 543 15.36 34.95 15.61
C GLY A 543 14.08 34.25 15.18
N LEU A 544 13.08 35.00 14.72
CA LEU A 544 11.90 34.43 14.10
C LEU A 544 11.97 34.42 12.58
N PHE A 545 12.70 35.35 11.98
CA PHE A 545 12.92 35.32 10.54
C PHE A 545 13.72 34.10 10.10
N TYR A 546 14.67 33.66 10.93
CA TYR A 546 15.41 32.43 10.66
C TYR A 546 14.55 31.17 10.78
N ALA A 547 13.47 31.21 11.56
CA ALA A 547 12.52 30.10 11.61
C ALA A 547 11.35 30.31 10.65
N MET A 548 11.30 31.44 9.96
CA MET A 548 10.35 31.69 8.89
C MET A 548 10.91 31.30 7.52
N GLY A 549 12.12 31.77 7.20
CA GLY A 549 12.73 31.53 5.92
C GLY A 549 13.28 30.13 5.68
N ILE A 550 13.13 29.21 6.62
CA ILE A 550 13.50 27.81 6.40
C ILE A 550 12.27 26.91 6.34
N ALA A 551 11.11 27.37 6.78
CA ALA A 551 9.88 26.61 6.61
C ALA A 551 9.41 26.62 5.17
N LEU A 552 9.85 27.61 4.37
CA LEU A 552 9.58 27.57 2.93
C LEU A 552 10.26 26.39 2.28
N MET A 553 11.53 26.14 2.62
CA MET A 553 12.23 24.96 2.10
C MET A 553 11.65 23.66 2.67
N MET A 554 11.20 23.70 3.92
CA MET A 554 10.67 22.49 4.55
C MET A 554 9.21 22.24 4.19
N GLU A 555 8.59 23.18 3.48
CA GLU A 555 7.32 22.99 2.82
C GLU A 555 7.48 22.63 1.36
N GLY A 556 8.54 23.12 0.71
CA GLY A 556 8.77 22.80 -0.68
C GLY A 556 9.27 21.37 -0.87
N VAL A 557 10.20 20.95 -0.02
CA VAL A 557 10.70 19.57 -0.08
C VAL A 557 9.59 18.58 0.27
N LEU A 558 8.73 18.95 1.23
CA LEU A 558 7.62 18.08 1.61
C LEU A 558 6.49 18.09 0.58
N SER A 559 6.37 19.16 -0.22
CA SER A 559 5.40 19.18 -1.30
C SER A 559 5.90 18.48 -2.55
N ALA A 560 7.22 18.43 -2.76
CA ALA A 560 7.79 17.78 -3.93
C ALA A 560 7.92 16.26 -3.77
N CYS A 561 7.30 15.67 -2.74
CA CYS A 561 7.26 14.23 -2.60
C CYS A 561 5.84 13.68 -2.57
N TYR A 562 4.81 14.53 -2.48
CA TYR A 562 3.42 14.09 -2.52
C TYR A 562 2.90 13.94 -3.95
N HIS A 563 3.46 14.72 -4.89
CA HIS A 563 2.99 14.71 -6.27
C HIS A 563 3.68 13.66 -7.13
N VAL A 564 4.21 12.59 -6.52
CA VAL A 564 4.75 11.46 -7.26
C VAL A 564 3.72 10.35 -7.27
N CYS A 565 2.87 10.31 -6.25
CA CYS A 565 1.72 9.41 -6.18
C CYS A 565 0.68 9.92 -5.19
N PRO A 566 -0.24 10.78 -5.62
CA PRO A 566 -1.37 11.15 -4.75
C PRO A 566 -2.25 9.94 -4.46
N ASN A 567 -2.48 9.68 -3.18
CA ASN A 567 -3.19 8.48 -2.75
C ASN A 567 -3.93 8.82 -1.46
N TYR A 568 -4.33 7.78 -0.71
CA TYR A 568 -5.04 7.94 0.55
C TYR A 568 -4.08 7.80 1.73
N SER A 569 -3.06 6.95 1.62
CA SER A 569 -2.06 6.80 2.67
C SER A 569 -1.24 8.08 2.85
N ASN A 570 -0.91 8.75 1.75
CA ASN A 570 -0.24 10.04 1.84
C ASN A 570 -1.17 11.16 2.31
N PHE A 571 -2.49 10.94 2.22
CA PHE A 571 -3.57 11.79 2.77
C PHE A 571 -3.48 13.17 2.13
N GLN A 572 -3.49 14.26 2.90
CA GLN A 572 -3.34 15.60 2.36
C GLN A 572 -2.13 16.28 2.96
N PHE A 573 -0.99 15.57 2.99
CA PHE A 573 0.24 16.07 3.59
C PHE A 573 1.01 16.99 2.64
N ASP A 574 0.35 17.98 2.07
CA ASP A 574 1.00 19.03 1.29
C ASP A 574 0.76 20.40 1.88
N THR A 575 -0.48 20.72 2.26
CA THR A 575 -0.79 21.95 2.99
C THR A 575 -0.85 21.68 4.49
N SER A 576 0.26 21.19 5.02
CA SER A 576 0.38 20.84 6.44
C SER A 576 1.29 21.80 7.19
N PHE A 577 2.45 22.13 6.65
CA PHE A 577 3.30 23.14 7.27
C PHE A 577 2.92 24.56 6.85
N MET A 578 2.07 24.70 5.82
CA MET A 578 1.56 26.01 5.45
C MET A 578 0.59 26.53 6.50
N TYR A 579 -0.05 25.63 7.25
CA TYR A 579 -0.86 26.02 8.39
C TYR A 579 -0.02 26.70 9.46
N MET A 580 1.18 26.17 9.73
CA MET A 580 2.12 26.83 10.64
C MET A 580 2.62 28.14 10.07
N ILE A 581 2.97 28.15 8.78
CA ILE A 581 3.54 29.33 8.11
C ILE A 581 2.55 30.49 8.11
N ALA A 582 1.25 30.19 8.06
CA ALA A 582 0.25 31.25 8.11
C ALA A 582 -0.35 31.46 9.50
N GLY A 583 -0.20 30.51 10.41
CA GLY A 583 -0.74 30.67 11.74
C GLY A 583 0.26 30.84 12.87
N LEU A 584 1.50 31.25 12.56
CA LEU A 584 2.43 31.64 13.62
C LEU A 584 1.88 32.80 14.44
N CYS A 585 1.71 33.97 13.79
CA CYS A 585 1.19 35.21 14.36
C CYS A 585 1.85 35.58 15.70
N MET A 586 3.17 35.44 15.77
CA MET A 586 3.93 35.78 16.96
C MET A 586 4.64 37.12 16.83
N LEU A 587 5.30 37.36 15.68
CA LEU A 587 6.02 38.60 15.42
C LEU A 587 5.10 39.80 15.22
N LYS A 588 3.79 39.58 15.04
CA LYS A 588 2.83 40.67 14.99
C LYS A 588 2.60 41.32 16.35
N LEU A 589 2.97 40.64 17.44
CA LEU A 589 2.89 41.24 18.78
C LEU A 589 4.23 41.86 19.15
N TYR A 590 4.53 42.96 18.47
CA TYR A 590 5.77 43.69 18.67
C TYR A 590 5.58 44.79 19.71
N GLN A 591 6.71 45.38 20.12
CA GLN A 591 6.80 46.50 21.08
C GLN A 591 6.21 46.13 22.45
N ASN A 598 5.66 35.80 25.34
CA ASN A 598 6.76 34.88 25.62
C ASN A 598 6.28 33.65 26.36
N ALA A 599 5.61 33.87 27.49
CA ALA A 599 5.09 32.76 28.29
C ALA A 599 3.99 31.99 27.57
N SER A 600 2.95 32.70 27.13
CA SER A 600 1.86 32.09 26.38
C SER A 600 2.19 31.88 24.91
N ALA A 601 3.37 32.28 24.44
CA ALA A 601 3.73 32.10 23.04
C ALA A 601 4.52 30.82 22.80
N TYR A 602 5.49 30.53 23.68
CA TYR A 602 6.31 29.32 23.56
C TYR A 602 5.45 28.05 23.67
N SER A 603 4.53 28.02 24.64
CA SER A 603 3.63 26.88 24.80
C SER A 603 2.69 26.72 23.61
N ALA A 604 2.22 27.83 23.03
CA ALA A 604 1.25 27.78 21.95
C ALA A 604 1.88 27.57 20.58
N TYR A 605 3.21 27.63 20.49
CA TYR A 605 3.90 27.44 19.21
C TYR A 605 3.71 26.03 18.66
N ALA A 606 4.12 25.01 19.41
CA ALA A 606 3.90 23.64 18.98
C ALA A 606 2.43 23.23 19.15
N SER A 607 1.72 23.89 20.06
CA SER A 607 0.32 23.58 20.30
C SER A 607 -0.57 23.98 19.13
N PHE A 608 -0.20 25.03 18.40
CA PHE A 608 -0.95 25.43 17.21
C PHE A 608 -0.87 24.36 16.12
N ALA A 609 0.34 23.85 15.86
CA ALA A 609 0.50 22.77 14.90
C ALA A 609 -0.13 21.47 15.38
N VAL A 610 -0.11 21.23 16.69
CA VAL A 610 -0.76 20.05 17.25
C VAL A 610 -2.27 20.12 17.06
N VAL A 611 -2.85 21.30 17.31
CA VAL A 611 -4.29 21.49 17.12
C VAL A 611 -4.67 21.41 15.65
N ILE A 612 -3.80 21.91 14.77
CA ILE A 612 -4.05 21.84 13.33
C ILE A 612 -4.03 20.39 12.85
N MET A 613 -3.05 19.60 13.30
CA MET A 613 -2.98 18.19 12.93
C MET A 613 -4.13 17.40 13.52
N VAL A 614 -4.55 17.73 14.74
CA VAL A 614 -5.68 17.07 15.37
C VAL A 614 -6.97 17.37 14.62
N THR A 615 -7.16 18.63 14.20
CA THR A 615 -8.34 18.99 13.41
C THR A 615 -8.33 18.31 12.05
N VAL A 616 -7.15 18.22 11.43
CA VAL A 616 -7.02 17.56 10.12
C VAL A 616 -7.35 16.08 10.23
N LEU A 617 -6.87 15.42 11.30
CA LEU A 617 -7.18 14.00 11.50
C LEU A 617 -8.65 13.79 11.84
N GLY A 618 -9.22 14.63 12.72
CA GLY A 618 -10.58 14.49 13.16
C GLY A 618 -11.64 14.98 12.20
N VAL A 619 -11.24 15.67 11.12
CA VAL A 619 -12.19 16.19 10.16
C VAL A 619 -12.88 15.07 9.40
N VAL A 620 -12.16 13.98 9.14
CA VAL A 620 -12.75 12.84 8.43
C VAL A 620 -13.79 12.14 9.29
N PHE A 621 -13.47 11.91 10.57
CA PHE A 621 -14.39 11.25 11.48
C PHE A 621 -14.81 12.19 12.61
N VAL A 626 -19.53 13.07 15.79
CA VAL A 626 -20.49 13.62 16.74
C VAL A 626 -20.71 15.10 16.47
N TRP A 627 -21.22 15.40 15.26
CA TRP A 627 -21.52 16.76 14.79
C TRP A 627 -20.29 17.66 14.87
N PHE A 628 -19.26 17.28 14.11
CA PHE A 628 -18.02 18.05 14.02
C PHE A 628 -18.24 19.45 13.48
N TRP A 629 -19.12 19.58 12.48
CA TRP A 629 -19.43 20.88 11.88
C TRP A 629 -20.04 21.84 12.91
N VAL A 630 -21.02 21.38 13.69
CA VAL A 630 -21.66 22.26 14.66
C VAL A 630 -20.78 22.47 15.88
N ILE A 631 -19.93 21.51 16.24
CA ILE A 631 -19.08 21.66 17.42
C ILE A 631 -17.92 22.62 17.17
N PHE A 632 -17.53 22.80 15.91
CA PHE A 632 -16.36 23.61 15.60
C PHE A 632 -16.65 25.10 15.60
N SER A 633 -17.91 25.49 15.38
CA SER A 633 -18.28 26.90 15.36
C SER A 633 -18.09 27.56 16.73
N ALA A 634 -18.48 26.86 17.80
CA ALA A 634 -18.30 27.38 19.16
C ALA A 634 -16.83 27.50 19.53
N ILE A 635 -16.03 26.50 19.14
CA ILE A 635 -14.60 26.52 19.42
C ILE A 635 -13.91 27.64 18.65
N HIS A 636 -14.31 27.84 17.39
CA HIS A 636 -13.75 28.93 16.58
C HIS A 636 -14.14 30.29 17.13
N VAL A 637 -15.39 30.43 17.62
CA VAL A 637 -15.83 31.69 18.20
C VAL A 637 -15.09 31.97 19.50
N LEU A 638 -14.88 30.95 20.32
CA LEU A 638 -14.12 31.11 21.57
C LEU A 638 -12.66 31.47 21.30
N ALA A 639 -12.05 30.82 20.29
CA ALA A 639 -10.67 31.14 19.94
C ALA A 639 -10.55 32.55 19.36
N SER A 640 -11.53 32.97 18.57
CA SER A 640 -11.53 34.32 18.02
C SER A 640 -11.71 35.37 19.11
N LEU A 641 -12.58 35.10 20.09
CA LEU A 641 -12.76 36.01 21.21
C LEU A 641 -11.50 36.08 22.08
N ALA A 642 -10.86 34.94 22.31
CA ALA A 642 -9.62 34.91 23.08
C ALA A 642 -8.49 35.65 22.38
N LEU A 643 -8.40 35.52 21.05
CA LEU A 643 -7.39 36.24 20.30
C LEU A 643 -7.68 37.74 20.27
N SER A 644 -8.95 38.12 20.08
CA SER A 644 -9.30 39.53 20.00
C SER A 644 -9.23 40.23 21.35
N THR A 645 -9.33 39.48 22.47
CA THR A 645 -9.14 40.06 23.78
C THR A 645 -7.71 40.56 23.96
N GLN A 646 -6.74 39.78 23.46
CA GLN A 646 -5.33 40.16 23.59
C GLN A 646 -4.96 41.19 22.54
N ILE A 647 -5.41 40.99 21.29
CA ILE A 647 -5.11 41.93 20.20
C ILE A 647 -5.69 43.31 20.47
N TYR A 648 -6.94 43.37 20.91
CA TYR A 648 -7.58 44.65 21.20
C TYR A 648 -7.13 45.19 22.55
N MET A 681 -15.30 51.83 22.60
CA MET A 681 -13.95 51.88 22.04
C MET A 681 -13.93 51.38 20.60
N ASP A 682 -13.12 52.05 19.77
CA ASP A 682 -13.00 51.65 18.38
C ASP A 682 -12.32 50.29 18.23
N ARG A 683 -11.30 50.03 19.05
CA ARG A 683 -10.63 48.74 19.03
C ARG A 683 -11.56 47.61 19.50
N MET A 684 -12.35 47.87 20.54
CA MET A 684 -13.31 46.88 21.02
C MET A 684 -14.41 46.63 19.99
N VAL A 685 -14.86 47.69 19.31
CA VAL A 685 -15.87 47.54 18.26
C VAL A 685 -15.32 46.75 17.08
N LEU A 686 -14.07 47.01 16.70
CA LEU A 686 -13.43 46.25 15.63
C LEU A 686 -13.25 44.78 16.01
N LEU A 687 -12.87 44.52 17.27
CA LEU A 687 -12.74 43.15 17.75
C LEU A 687 -14.08 42.43 17.77
N VAL A 688 -15.14 43.12 18.17
CA VAL A 688 -16.49 42.53 18.19
C VAL A 688 -16.96 42.24 16.77
N VAL A 689 -16.68 43.15 15.83
CA VAL A 689 -17.06 42.94 14.44
C VAL A 689 -16.28 41.77 13.83
N GLY A 690 -14.99 41.66 14.17
CA GLY A 690 -14.20 40.53 13.70
C GLY A 690 -14.67 39.20 14.28
N ASN A 691 -15.04 39.19 15.57
CA ASN A 691 -15.58 37.98 16.18
C ASN A 691 -16.92 37.60 15.57
N LEU A 692 -17.77 38.58 15.27
CA LEU A 692 -19.05 38.31 14.61
C LEU A 692 -18.85 37.78 13.20
N VAL A 693 -17.87 38.32 12.47
CA VAL A 693 -17.58 37.85 11.12
C VAL A 693 -17.02 36.43 11.16
N ASN A 694 -16.17 36.13 12.15
CA ASN A 694 -15.64 34.78 12.30
C ASN A 694 -16.73 33.79 12.67
N TRP A 695 -17.68 34.20 13.54
CA TRP A 695 -18.80 33.34 13.89
C TRP A 695 -19.72 33.10 12.70
N SER A 696 -19.94 34.13 11.88
CA SER A 696 -20.74 33.98 10.67
C SER A 696 -20.06 33.07 9.65
N PHE A 697 -18.74 33.17 9.52
CA PHE A 697 -17.99 32.29 8.62
C PHE A 697 -18.01 30.85 9.12
N ALA A 698 -17.91 30.65 10.44
CA ALA A 698 -17.99 29.30 11.01
C ALA A 698 -19.38 28.71 10.82
N LEU A 699 -20.44 29.53 10.98
CA LEU A 699 -21.80 29.05 10.74
C LEU A 699 -22.03 28.71 9.28
N PHE A 700 -21.47 29.52 8.37
CA PHE A 700 -21.58 29.23 6.94
C PHE A 700 -20.84 27.95 6.56
N GLY A 701 -19.66 27.73 7.14
CA GLY A 701 -18.93 26.48 6.90
C GLY A 701 -19.63 25.27 7.48
N LEU A 702 -20.26 25.42 8.65
CA LEU A 702 -21.05 24.34 9.23
C LEU A 702 -22.28 24.04 8.39
N ILE A 703 -22.92 25.07 7.84
CA ILE A 703 -24.07 24.87 6.96
C ILE A 703 -23.64 24.20 5.66
N TYR A 704 -22.47 24.56 5.14
CA TYR A 704 -22.01 23.99 3.87
C TYR A 704 -21.56 22.54 4.04
N ARG A 705 -20.50 22.32 4.82
CA ARG A 705 -19.84 21.03 4.98
C ARG A 705 -19.52 20.35 3.65
N PRO A 706 -18.68 20.97 2.80
CA PRO A 706 -18.53 20.52 1.41
C PRO A 706 -17.91 19.14 1.22
N ARG A 707 -16.71 18.91 1.75
CA ARG A 707 -16.00 17.67 1.45
C ARG A 707 -15.26 17.11 2.66
N ASP A 708 -15.77 17.39 3.87
CA ASP A 708 -15.32 16.81 5.14
C ASP A 708 -13.83 17.06 5.42
N PHE A 709 -13.01 16.02 5.29
CA PHE A 709 -11.57 16.17 5.52
C PHE A 709 -10.89 16.92 4.37
N ALA A 710 -11.41 16.78 3.15
CA ALA A 710 -10.89 17.56 2.03
C ALA A 710 -11.24 19.03 2.17
N SER A 711 -12.34 19.35 2.85
CA SER A 711 -12.75 20.72 3.11
C SER A 711 -12.01 21.38 4.26
N TYR A 712 -11.03 20.69 4.86
CA TYR A 712 -10.21 21.30 5.91
C TYR A 712 -9.39 22.46 5.38
N MET A 713 -8.92 22.37 4.13
CA MET A 713 -8.20 23.47 3.50
C MET A 713 -9.10 24.68 3.32
N LEU A 714 -10.33 24.47 2.86
CA LEU A 714 -11.27 25.58 2.68
C LEU A 714 -11.72 26.15 4.02
N GLY A 715 -11.75 25.32 5.08
CA GLY A 715 -12.11 25.82 6.40
C GLY A 715 -10.98 26.51 7.13
N ILE A 716 -9.72 26.20 6.79
CA ILE A 716 -8.59 26.90 7.38
C ILE A 716 -8.10 28.06 6.51
N PHE A 717 -8.61 28.19 5.29
CA PHE A 717 -8.37 29.40 4.51
C PHE A 717 -9.00 30.63 5.16
N ILE A 718 -10.15 30.45 5.81
CA ILE A 718 -10.77 31.55 6.56
C ILE A 718 -9.92 31.93 7.77
N CYS A 719 -9.32 30.92 8.43
CA CYS A 719 -8.41 31.20 9.54
C CYS A 719 -7.16 31.93 9.07
N ASN A 720 -6.62 31.53 7.91
CA ASN A 720 -5.47 32.21 7.34
C ASN A 720 -5.79 33.65 6.95
N LEU A 721 -6.99 33.87 6.39
CA LEU A 721 -7.44 35.22 6.06
C LEU A 721 -7.62 36.07 7.32
N LEU A 722 -8.16 35.49 8.39
CA LEU A 722 -8.28 36.20 9.66
C LEU A 722 -6.91 36.56 10.24
N LEU A 723 -5.95 35.63 10.15
CA LEU A 723 -4.60 35.91 10.63
C LEU A 723 -3.87 36.94 9.77
N TYR A 724 -4.17 36.99 8.46
CA TYR A 724 -3.52 37.93 7.55
C TYR A 724 -4.36 39.17 7.26
N LEU A 725 -5.44 39.38 8.01
CA LEU A 725 -6.23 40.60 7.90
C LEU A 725 -6.08 41.49 9.14
N ALA A 726 -5.16 41.16 10.03
CA ALA A 726 -4.91 41.93 11.25
C ALA A 726 -3.91 43.06 11.04
N PHE A 727 -3.71 43.51 9.80
CA PHE A 727 -2.81 44.62 9.50
C PHE A 727 -3.31 45.92 10.11
N TYR A 728 -2.56 46.44 11.08
CA TYR A 728 -2.93 47.62 11.85
C TYR A 728 -2.45 48.92 11.22
N ILE A 729 -2.32 48.96 9.88
CA ILE A 729 -1.83 50.13 9.15
C ILE A 729 -2.77 51.34 9.23
N ILE A 730 -3.94 51.20 9.85
CA ILE A 730 -4.92 52.30 9.93
C ILE A 730 -4.86 52.86 11.34
N MET A 731 -3.67 52.78 11.95
CA MET A 731 -3.44 53.28 13.30
C MET A 731 -3.16 54.78 13.28
N LYS A 732 -3.09 55.39 12.10
CA LYS A 732 -2.67 56.78 11.91
C LYS A 732 -3.72 57.82 12.29
N LEU A 733 -4.75 57.44 13.03
CA LEU A 733 -5.76 58.38 13.52
C LEU A 733 -5.15 59.46 14.43
N ARG A 734 -4.32 59.06 15.39
CA ARG A 734 -3.61 60.00 16.25
C ARG A 734 -2.16 59.58 16.46
N SER A 735 -1.72 58.52 15.80
CA SER A 735 -0.37 57.98 15.98
C SER A 735 0.60 58.60 14.98
N SER A 736 1.77 57.99 14.82
CA SER A 736 2.81 58.46 13.91
C SER A 736 2.48 58.14 12.46
N GLU A 737 3.42 58.39 11.54
CA GLU A 737 3.17 58.16 10.12
C GLU A 737 3.19 56.66 9.83
N LYS A 738 4.32 55.98 10.04
CA LYS A 738 4.51 54.53 9.82
C LYS A 738 4.23 54.11 8.38
N VAL A 739 4.36 55.02 7.42
CA VAL A 739 4.09 54.76 6.01
C VAL A 739 5.26 55.24 5.17
N LEU A 740 5.69 54.42 4.23
CA LEU A 740 6.80 54.73 3.35
C LEU A 740 6.50 54.14 1.98
N PRO A 741 7.07 54.71 0.90
CA PRO A 741 6.83 54.19 -0.46
C PRO A 741 7.11 52.71 -0.70
N VAL A 742 8.20 52.18 -0.16
CA VAL A 742 8.55 50.77 -0.37
C VAL A 742 7.56 49.83 0.34
N PRO A 743 7.20 50.02 1.63
CA PRO A 743 6.10 49.18 2.17
C PRO A 743 4.75 49.47 1.55
N LEU A 744 4.51 50.66 0.99
CA LEU A 744 3.24 50.91 0.30
C LEU A 744 3.17 50.13 -1.01
N PHE A 745 4.27 50.09 -1.77
CA PHE A 745 4.35 49.28 -2.96
C PHE A 745 4.24 47.79 -2.63
N CYS A 746 4.86 47.37 -1.51
CA CYS A 746 4.80 45.95 -1.16
C CYS A 746 3.43 45.53 -0.65
N ILE A 747 2.70 46.42 0.05
CA ILE A 747 1.36 46.06 0.49
C ILE A 747 0.39 46.13 -0.69
N VAL A 748 0.63 47.01 -1.67
CA VAL A 748 -0.17 47.01 -2.90
C VAL A 748 0.06 45.71 -3.68
N ALA A 749 1.32 45.26 -3.74
CA ALA A 749 1.64 44.03 -4.47
C ALA A 749 1.05 42.80 -3.81
N THR A 750 1.15 42.69 -2.48
CA THR A 750 0.56 41.53 -1.82
C THR A 750 -0.95 41.64 -1.67
N ALA A 751 -1.54 42.82 -1.86
CA ALA A 751 -2.99 42.90 -1.97
C ALA A 751 -3.48 42.47 -3.35
N VAL A 752 -2.73 42.83 -4.39
CA VAL A 752 -3.14 42.52 -5.76
C VAL A 752 -2.91 41.04 -6.06
N MET A 753 -1.75 40.51 -5.68
CA MET A 753 -1.30 39.19 -6.12
C MET A 753 -1.88 38.05 -5.26
N TRP A 754 -2.79 38.36 -4.34
CA TRP A 754 -3.52 37.32 -3.61
C TRP A 754 -4.88 37.01 -4.23
N ALA A 755 -5.42 37.91 -5.06
CA ALA A 755 -6.68 37.63 -5.74
C ALA A 755 -6.52 36.57 -6.80
N ALA A 756 -5.43 36.63 -7.56
CA ALA A 756 -5.23 35.70 -8.68
C ALA A 756 -4.90 34.29 -8.19
N ALA A 757 -4.27 34.17 -7.04
CA ALA A 757 -3.84 32.86 -6.53
C ALA A 757 -4.98 32.06 -5.91
N LEU A 758 -6.18 32.62 -5.81
CA LEU A 758 -7.34 31.90 -5.28
C LEU A 758 -8.17 31.25 -6.38
N TYR A 759 -8.15 31.82 -7.59
CA TYR A 759 -8.89 31.25 -8.72
C TYR A 759 -8.39 29.85 -9.06
N PHE A 760 -7.06 29.69 -9.18
CA PHE A 760 -6.51 28.39 -9.53
C PHE A 760 -6.63 27.38 -8.39
N PHE A 761 -6.74 27.85 -7.15
CA PHE A 761 -7.14 26.97 -6.05
C PHE A 761 -8.58 26.53 -6.23
N PHE A 762 -9.49 27.46 -6.52
CA PHE A 762 -10.92 27.15 -6.61
C PHE A 762 -11.29 26.36 -7.87
N GLN A 763 -10.37 26.23 -8.83
CA GLN A 763 -10.59 25.30 -9.94
C GLN A 763 -10.08 23.92 -9.54
N ASN A 764 -11.01 22.99 -9.36
CA ASN A 764 -10.70 21.62 -8.94
C ASN A 764 -10.44 20.77 -10.18
N LEU A 765 -9.37 19.98 -10.13
CA LEU A 765 -8.94 19.16 -11.26
C LEU A 765 -9.05 17.66 -10.99
N SER A 766 -8.65 17.21 -9.81
CA SER A 766 -8.77 15.81 -9.43
C SER A 766 -9.46 15.70 -8.08
N SER A 767 -9.56 14.49 -7.56
CA SER A 767 -10.20 14.23 -6.29
C SER A 767 -9.70 12.90 -5.74
N TRP A 768 -9.48 12.86 -4.42
CA TRP A 768 -8.92 11.70 -3.76
C TRP A 768 -9.97 10.87 -3.03
N GLU A 769 -11.25 11.06 -3.34
CA GLU A 769 -12.32 10.32 -2.70
C GLU A 769 -13.32 9.84 -3.75
N GLY A 770 -14.03 8.76 -3.41
CA GLY A 770 -15.09 8.25 -4.25
C GLY A 770 -14.60 7.61 -5.54
N THR A 771 -13.89 6.45 -5.42
CA THR A 771 -13.40 5.52 -6.43
C THR A 771 -12.29 6.12 -7.30
N PRO A 772 -11.39 5.32 -7.86
CA PRO A 772 -10.36 5.87 -8.75
C PRO A 772 -10.76 5.96 -10.21
N ALA A 773 -12.03 5.76 -10.56
CA ALA A 773 -12.50 5.92 -11.92
C ALA A 773 -13.39 7.15 -12.08
N GLU A 774 -13.50 8.00 -11.06
CA GLU A 774 -14.24 9.24 -11.15
C GLU A 774 -13.35 10.48 -11.13
N SER A 775 -12.05 10.31 -10.91
CA SER A 775 -11.11 11.42 -11.09
C SER A 775 -11.03 11.83 -12.56
N ARG A 776 -11.13 10.86 -13.48
CA ARG A 776 -10.89 11.09 -14.90
C ARG A 776 -11.96 11.96 -15.55
N GLU A 777 -13.10 12.15 -14.91
CA GLU A 777 -14.15 13.01 -15.48
C GLU A 777 -13.76 14.48 -15.45
N LYS A 778 -13.06 14.91 -14.40
CA LYS A 778 -12.74 16.31 -14.21
C LYS A 778 -11.42 16.71 -14.85
N ASN A 779 -10.73 15.77 -15.49
CA ASN A 779 -9.42 16.01 -16.10
C ASN A 779 -9.48 17.08 -17.19
N ARG A 780 -8.44 17.90 -17.26
CA ARG A 780 -8.36 19.02 -18.18
C ARG A 780 -7.03 18.98 -18.90
N GLU A 781 -6.91 19.78 -19.97
CA GLU A 781 -5.72 19.79 -20.80
C GLU A 781 -4.74 20.83 -20.28
N CYS A 782 -3.71 21.12 -21.07
CA CYS A 782 -2.58 21.93 -20.61
C CYS A 782 -2.56 23.26 -21.33
N ILE A 783 -2.23 24.31 -20.58
CA ILE A 783 -2.02 25.65 -21.11
C ILE A 783 -0.58 26.06 -20.83
N LEU A 784 -0.19 27.23 -21.36
CA LEU A 784 1.10 27.89 -21.13
C LEU A 784 2.26 26.99 -21.58
N LEU A 785 2.35 26.87 -22.92
CA LEU A 785 3.44 26.22 -23.66
C LEU A 785 3.43 24.71 -23.51
N ASP A 786 2.23 24.14 -23.34
CA ASP A 786 1.97 22.69 -23.35
C ASP A 786 2.75 21.92 -22.27
N PHE A 787 3.08 22.58 -21.17
CA PHE A 787 3.86 21.92 -20.13
C PHE A 787 3.20 22.03 -18.76
N PHE A 788 2.60 23.17 -18.44
CA PHE A 788 2.08 23.42 -17.12
C PHE A 788 0.58 23.16 -17.09
N ASP A 789 0.09 22.77 -15.91
CA ASP A 789 -1.29 22.31 -15.78
C ASP A 789 -2.14 23.51 -15.36
N ASP A 790 -3.37 23.27 -14.91
CA ASP A 790 -4.20 24.31 -14.31
C ASP A 790 -4.23 24.23 -12.79
N HIS A 791 -3.56 23.23 -12.21
CA HIS A 791 -3.27 23.17 -10.79
C HIS A 791 -1.75 23.20 -10.62
N ASP A 792 -1.09 23.99 -11.48
CA ASP A 792 0.35 24.15 -11.42
C ASP A 792 0.77 25.60 -11.63
N ILE A 793 -0.18 26.53 -11.72
CA ILE A 793 0.12 27.95 -11.61
C ILE A 793 -0.28 28.49 -10.23
N TRP A 794 -0.51 27.58 -9.28
CA TRP A 794 -0.71 27.96 -7.88
C TRP A 794 0.56 27.88 -7.07
N HIS A 795 1.46 26.93 -7.40
CA HIS A 795 2.78 26.82 -6.77
C HIS A 795 3.75 27.90 -7.22
N PHE A 796 3.35 28.75 -8.17
CA PHE A 796 4.15 29.88 -8.63
C PHE A 796 3.68 31.19 -8.04
N LEU A 797 2.38 31.30 -7.72
CA LEU A 797 1.82 32.51 -7.15
C LEU A 797 1.70 32.47 -5.63
N SER A 798 1.52 31.29 -5.03
CA SER A 798 1.47 31.18 -3.57
C SER A 798 2.81 31.57 -2.93
N ALA A 799 3.92 31.10 -3.51
CA ALA A 799 5.24 31.43 -2.99
C ALA A 799 5.55 32.92 -3.12
N THR A 800 5.25 33.51 -4.28
CA THR A 800 5.53 34.92 -4.52
C THR A 800 4.50 35.84 -3.89
N ALA A 801 3.40 35.31 -3.33
CA ALA A 801 2.55 36.13 -2.48
C ALA A 801 2.95 36.02 -1.01
N LEU A 802 3.35 34.81 -0.57
CA LEU A 802 3.79 34.61 0.80
C LEU A 802 5.10 35.35 1.07
N PHE A 803 6.00 35.37 0.08
CA PHE A 803 7.26 36.10 0.21
C PHE A 803 7.02 37.60 0.35
N PHE A 804 6.08 38.15 -0.44
CA PHE A 804 5.77 39.57 -0.33
C PHE A 804 5.04 39.90 0.96
N SER A 805 4.18 39.00 1.45
CA SER A 805 3.53 39.22 2.74
C SER A 805 4.53 39.19 3.89
N PHE A 806 5.47 38.25 3.85
CA PHE A 806 6.54 38.21 4.85
C PHE A 806 7.45 39.43 4.75
N LEU A 807 7.70 39.92 3.52
CA LEU A 807 8.49 41.14 3.36
C LEU A 807 7.76 42.35 3.91
N VAL A 808 6.43 42.39 3.75
CA VAL A 808 5.61 43.43 4.39
C VAL A 808 5.73 43.35 5.91
N LEU A 809 5.69 42.13 6.46
CA LEU A 809 5.86 41.94 7.90
C LEU A 809 7.26 42.36 8.37
N LEU A 810 8.27 42.14 7.53
CA LEU A 810 9.65 42.46 7.90
C LEU A 810 9.89 43.97 7.85
N THR A 811 9.62 44.60 6.70
CA THR A 811 10.11 45.94 6.41
C THR A 811 9.30 47.05 7.07
N LEU A 812 8.21 46.71 7.75
CA LEU A 812 7.29 47.71 8.31
C LEU A 812 7.90 48.38 9.55
N ASP A 813 7.10 49.22 10.21
CA ASP A 813 7.48 50.02 11.38
C ASP A 813 8.67 50.93 11.07
N ASP A 814 8.41 51.88 10.17
CA ASP A 814 9.38 52.89 9.76
C ASP A 814 8.99 54.24 10.33
N ASP A 815 9.77 55.26 9.95
CA ASP A 815 9.66 56.66 10.37
C ASP A 815 9.85 56.86 11.87
N LEU A 816 10.41 55.88 12.59
CA LEU A 816 10.66 56.00 14.02
C LEU A 816 12.13 55.84 14.38
N ASP A 817 12.99 55.40 13.46
CA ASP A 817 14.41 55.31 13.73
C ASP A 817 15.08 56.67 13.86
N VAL A 818 14.48 57.73 13.32
CA VAL A 818 15.03 59.07 13.44
C VAL A 818 14.47 59.82 14.65
N VAL A 819 13.33 59.40 15.18
CA VAL A 819 12.74 60.03 16.35
C VAL A 819 13.54 59.69 17.61
N ALA B 42 -24.67 -41.27 -34.66
CA ALA B 42 -23.38 -41.80 -35.10
C ALA B 42 -22.39 -41.83 -33.93
N ALA B 43 -22.01 -43.04 -33.53
CA ALA B 43 -21.11 -43.25 -32.40
C ALA B 43 -20.53 -44.66 -32.52
N ARG B 44 -19.83 -45.09 -31.47
CA ARG B 44 -19.25 -46.43 -31.42
C ARG B 44 -19.64 -47.23 -30.19
N GLY B 45 -20.22 -46.60 -29.18
CA GLY B 45 -20.58 -47.28 -27.94
C GLY B 45 -19.41 -47.85 -27.17
N ALA B 46 -18.49 -46.99 -26.75
CA ALA B 46 -17.30 -47.43 -26.05
C ALA B 46 -17.59 -47.63 -24.56
N ASP B 47 -16.66 -48.26 -23.87
CA ASP B 47 -16.79 -48.57 -22.45
C ASP B 47 -15.75 -47.82 -21.64
N PHE B 48 -16.07 -47.59 -20.37
CA PHE B 48 -15.17 -46.89 -19.46
C PHE B 48 -13.92 -47.71 -19.18
N ASP B 49 -12.83 -46.99 -18.90
CA ASP B 49 -11.52 -47.54 -18.49
C ASP B 49 -10.95 -48.48 -19.55
N HIS B 50 -10.66 -47.91 -20.71
CA HIS B 50 -10.04 -48.64 -21.81
C HIS B 50 -9.18 -47.67 -22.61
N VAL B 51 -8.14 -48.20 -23.23
CA VAL B 51 -7.18 -47.40 -23.99
C VAL B 51 -7.52 -47.51 -25.46
N TYR B 52 -7.78 -46.37 -26.09
CA TYR B 52 -8.19 -46.30 -27.49
C TYR B 52 -7.15 -45.55 -28.31
N SER B 53 -6.90 -46.03 -29.52
CA SER B 53 -5.91 -45.44 -30.41
C SER B 53 -6.43 -45.50 -31.84
N GLY B 54 -5.91 -44.61 -32.67
CA GLY B 54 -6.37 -44.55 -34.04
C GLY B 54 -5.62 -43.47 -34.81
N VAL B 55 -6.12 -43.20 -36.02
CA VAL B 55 -5.50 -42.24 -36.91
C VAL B 55 -6.57 -41.22 -37.32
N VAL B 56 -6.20 -39.94 -37.29
CA VAL B 56 -7.08 -38.85 -37.70
C VAL B 56 -6.44 -38.11 -38.86
N ASN B 57 -7.27 -37.44 -39.64
CA ASN B 57 -6.83 -36.87 -40.91
C ASN B 57 -7.62 -35.58 -41.13
N LEU B 58 -7.62 -35.09 -42.38
CA LEU B 58 -8.36 -33.88 -42.71
C LEU B 58 -9.86 -34.12 -42.77
N SER B 59 -10.28 -35.29 -43.22
CA SER B 59 -11.69 -35.63 -43.35
C SER B 59 -12.20 -36.48 -42.21
N THR B 60 -11.40 -37.45 -41.76
CA THR B 60 -11.83 -38.35 -40.69
C THR B 60 -11.91 -37.62 -39.35
N GLU B 61 -13.04 -37.77 -38.67
CA GLU B 61 -13.24 -37.30 -37.31
C GLU B 61 -13.61 -38.50 -36.43
N ASN B 62 -13.16 -38.47 -35.18
CA ASN B 62 -13.38 -39.58 -34.27
C ASN B 62 -14.39 -39.16 -33.20
N ILE B 63 -15.44 -39.97 -33.04
CA ILE B 63 -16.55 -39.69 -32.13
C ILE B 63 -16.64 -40.81 -31.11
N TYR B 64 -16.79 -40.44 -29.84
CA TYR B 64 -17.01 -41.40 -28.77
C TYR B 64 -18.16 -40.92 -27.90
N SER B 65 -18.95 -41.86 -27.39
CA SER B 65 -20.17 -41.56 -26.64
C SER B 65 -20.20 -42.43 -25.39
N PHE B 66 -20.10 -41.81 -24.22
CA PHE B 66 -20.03 -42.51 -22.95
C PHE B 66 -21.32 -42.26 -22.18
N ASN B 67 -22.05 -43.32 -21.86
CA ASN B 67 -23.31 -43.23 -21.15
C ASN B 67 -23.14 -43.83 -19.76
N TYR B 68 -23.53 -43.09 -18.73
CA TYR B 68 -23.42 -43.59 -17.36
C TYR B 68 -24.62 -43.15 -16.53
N THR B 69 -24.93 -43.96 -15.53
CA THR B 69 -26.03 -43.70 -14.61
C THR B 69 -25.48 -43.27 -13.26
N SER B 70 -26.06 -42.21 -12.70
CA SER B 70 -25.65 -41.70 -11.41
C SER B 70 -26.40 -42.44 -10.30
N GLN B 71 -26.21 -42.00 -9.06
CA GLN B 71 -26.79 -42.59 -7.88
C GLN B 71 -27.50 -41.50 -7.09
N PRO B 72 -28.46 -41.86 -6.23
CA PRO B 72 -29.07 -40.85 -5.35
C PRO B 72 -28.19 -40.41 -4.18
N ASP B 73 -26.95 -40.89 -4.10
CA ASP B 73 -25.98 -40.42 -3.10
C ASP B 73 -24.60 -40.43 -3.74
N GLN B 74 -23.60 -39.96 -2.98
CA GLN B 74 -22.18 -39.86 -3.33
C GLN B 74 -21.90 -38.96 -4.52
N VAL B 75 -20.61 -38.72 -4.79
CA VAL B 75 -20.16 -37.83 -5.85
C VAL B 75 -19.27 -38.61 -6.79
N THR B 76 -19.57 -38.55 -8.09
CA THR B 76 -18.74 -39.12 -9.13
C THR B 76 -18.01 -38.01 -9.89
N ALA B 77 -16.90 -38.38 -10.53
CA ALA B 77 -16.09 -37.40 -11.24
C ALA B 77 -15.36 -38.11 -12.38
N VAL B 78 -15.71 -37.78 -13.61
CA VAL B 78 -15.08 -38.35 -14.79
C VAL B 78 -13.76 -37.65 -15.03
N ARG B 79 -12.78 -38.37 -15.58
CA ARG B 79 -11.47 -37.81 -15.87
C ARG B 79 -10.99 -38.30 -17.22
N VAL B 80 -10.55 -37.36 -18.06
CA VAL B 80 -10.14 -37.63 -19.43
C VAL B 80 -8.64 -37.39 -19.54
N TYR B 81 -7.91 -38.38 -20.07
CA TYR B 81 -6.48 -38.29 -20.30
C TYR B 81 -6.24 -38.52 -21.78
N VAL B 82 -5.45 -37.63 -22.39
CA VAL B 82 -5.18 -37.68 -23.83
C VAL B 82 -3.68 -37.50 -24.02
N ASN B 83 -3.08 -38.37 -24.84
CA ASN B 83 -1.64 -38.40 -25.04
C ASN B 83 -1.37 -38.36 -26.54
N SER B 84 -0.31 -37.65 -26.93
CA SER B 84 0.13 -37.59 -28.31
C SER B 84 1.52 -38.20 -28.43
N SER B 85 1.76 -38.91 -29.53
CA SER B 85 2.96 -39.72 -29.73
C SER B 85 4.23 -38.87 -29.80
N SER B 86 4.35 -38.05 -30.84
CA SER B 86 5.53 -37.23 -31.10
C SER B 86 5.17 -36.19 -32.14
N GLU B 87 6.19 -35.44 -32.60
CA GLU B 87 6.15 -34.25 -33.47
C GLU B 87 4.94 -33.36 -33.27
N ASN B 88 4.23 -33.04 -34.37
CA ASN B 88 2.98 -32.28 -34.39
C ASN B 88 3.17 -30.88 -33.77
N LEU B 89 4.01 -30.09 -34.43
CA LEU B 89 4.22 -28.69 -34.05
C LEU B 89 3.69 -27.71 -35.08
N ASN B 90 3.17 -28.21 -36.21
CA ASN B 90 2.53 -27.36 -37.19
C ASN B 90 1.10 -27.79 -37.53
N TYR B 91 0.66 -28.97 -37.10
CA TYR B 91 -0.70 -29.44 -37.34
C TYR B 91 -1.19 -30.19 -36.10
N PRO B 92 -1.64 -29.47 -35.07
CA PRO B 92 -2.00 -30.12 -33.80
C PRO B 92 -3.30 -30.91 -33.85
N VAL B 93 -3.63 -31.58 -32.76
CA VAL B 93 -4.84 -32.38 -32.63
C VAL B 93 -5.79 -31.64 -31.69
N LEU B 94 -7.04 -31.51 -32.10
CA LEU B 94 -8.03 -30.73 -31.37
C LEU B 94 -9.12 -31.66 -30.84
N VAL B 95 -9.37 -31.57 -29.53
CA VAL B 95 -10.31 -32.45 -28.83
C VAL B 95 -11.37 -31.58 -28.16
N VAL B 96 -12.64 -31.92 -28.37
CA VAL B 96 -13.75 -31.23 -27.73
C VAL B 96 -14.60 -32.26 -26.98
N VAL B 97 -15.06 -31.87 -25.80
CA VAL B 97 -15.89 -32.70 -24.93
C VAL B 97 -17.19 -31.95 -24.67
N ARG B 98 -18.31 -32.58 -24.99
CA ARG B 98 -19.63 -31.98 -24.86
C ARG B 98 -20.42 -32.73 -23.81
N GLN B 99 -21.01 -31.98 -22.89
CA GLN B 99 -21.92 -32.46 -21.86
C GLN B 99 -23.28 -31.81 -22.06
N GLN B 100 -24.15 -31.98 -21.07
CA GLN B 100 -25.49 -31.39 -21.15
C GLN B 100 -25.44 -29.87 -21.00
N LYS B 101 -24.63 -29.36 -20.06
CA LYS B 101 -24.58 -27.94 -19.77
C LYS B 101 -23.14 -27.43 -19.74
N GLU B 102 -22.27 -28.01 -20.56
CA GLU B 102 -20.86 -27.61 -20.60
C GLU B 102 -20.21 -28.13 -21.87
N VAL B 103 -19.34 -27.31 -22.45
CA VAL B 103 -18.48 -27.71 -23.56
C VAL B 103 -17.06 -27.29 -23.22
N LEU B 104 -16.12 -28.23 -23.37
CA LEU B 104 -14.71 -28.00 -23.07
C LEU B 104 -13.89 -28.35 -24.30
N SER B 105 -12.76 -27.68 -24.48
CA SER B 105 -12.00 -27.82 -25.72
C SER B 105 -10.53 -27.58 -25.44
N TRP B 106 -9.66 -28.37 -26.10
CA TRP B 106 -8.22 -28.18 -25.94
C TRP B 106 -7.49 -28.78 -27.13
N GLN B 107 -6.27 -28.30 -27.34
CA GLN B 107 -5.35 -28.87 -28.30
C GLN B 107 -4.30 -29.69 -27.57
N VAL B 108 -3.89 -30.80 -28.17
CA VAL B 108 -3.07 -31.79 -27.46
C VAL B 108 -1.62 -31.34 -27.40
N PRO B 109 -0.92 -30.88 -28.51
CA PRO B 109 0.42 -30.35 -28.30
C PRO B 109 0.39 -29.00 -27.62
N LEU B 110 0.25 -28.97 -26.29
CA LEU B 110 0.08 -27.71 -25.57
C LEU B 110 1.36 -26.89 -25.63
N LEU B 111 1.21 -25.57 -25.77
CA LEU B 111 2.34 -24.65 -25.83
C LEU B 111 2.14 -23.55 -24.80
N PHE B 112 3.07 -23.45 -23.86
CA PHE B 112 3.03 -22.37 -22.88
C PHE B 112 3.94 -21.23 -23.34
N GLN B 113 4.08 -20.21 -22.49
CA GLN B 113 4.91 -19.06 -22.82
C GLN B 113 5.31 -18.37 -21.52
N GLY B 114 6.55 -17.87 -21.49
CA GLY B 114 7.08 -17.22 -20.31
C GLY B 114 7.91 -16.01 -20.62
N LEU B 115 8.54 -15.43 -19.60
CA LEU B 115 9.39 -14.26 -19.78
C LEU B 115 10.70 -14.65 -20.49
N TYR B 116 11.36 -13.63 -21.04
CA TYR B 116 12.68 -13.70 -21.69
C TYR B 116 12.65 -14.51 -22.99
N GLN B 117 11.46 -14.67 -23.58
CA GLN B 117 11.25 -15.28 -24.89
C GLN B 117 11.70 -16.74 -24.93
N ARG B 118 11.03 -17.55 -24.11
CA ARG B 118 11.20 -19.00 -24.12
C ARG B 118 9.86 -19.66 -24.42
N SER B 119 9.92 -20.89 -24.91
CA SER B 119 8.72 -21.63 -25.30
C SER B 119 8.82 -23.07 -24.81
N TYR B 120 7.86 -23.48 -23.99
CA TYR B 120 7.75 -24.85 -23.53
C TYR B 120 6.57 -25.52 -24.20
N ASN B 121 6.71 -26.83 -24.48
CA ASN B 121 5.64 -27.59 -25.13
C ASN B 121 5.45 -28.92 -24.42
N TYR B 122 4.22 -29.16 -23.96
CA TYR B 122 3.84 -30.43 -23.35
C TYR B 122 3.00 -31.26 -24.32
N GLN B 123 3.04 -32.58 -24.14
CA GLN B 123 2.41 -33.52 -25.05
C GLN B 123 1.35 -34.39 -24.37
N GLU B 124 0.94 -34.06 -23.16
CA GLU B 124 -0.04 -34.85 -22.41
C GLU B 124 -1.03 -33.92 -21.75
N VAL B 125 -2.34 -34.21 -21.91
CA VAL B 125 -3.40 -33.39 -21.36
C VAL B 125 -4.27 -34.28 -20.47
N SER B 126 -4.75 -33.72 -19.36
CA SER B 126 -5.71 -34.41 -18.51
C SER B 126 -6.65 -33.38 -17.91
N ARG B 127 -7.92 -33.76 -17.74
CA ARG B 127 -8.93 -32.87 -17.21
C ARG B 127 -9.96 -33.67 -16.41
N THR B 128 -10.58 -32.99 -15.45
CA THR B 128 -11.58 -33.57 -14.56
C THR B 128 -12.91 -32.89 -14.86
N LEU B 129 -13.85 -33.65 -15.41
CA LEU B 129 -15.16 -33.09 -15.73
C LEU B 129 -15.97 -32.79 -14.47
N CYS B 130 -16.90 -31.85 -14.60
CA CYS B 130 -17.71 -31.43 -13.47
C CYS B 130 -18.72 -32.51 -13.09
N PRO B 131 -19.11 -32.59 -11.82
CA PRO B 131 -20.20 -33.48 -11.43
C PRO B 131 -21.57 -32.83 -11.65
N SER B 132 -22.60 -33.68 -11.58
CA SER B 132 -23.97 -33.26 -11.83
C SER B 132 -24.84 -33.22 -10.58
N GLU B 133 -24.52 -34.06 -9.57
CA GLU B 133 -25.10 -34.11 -8.23
C GLU B 133 -26.51 -34.69 -8.24
N ALA B 134 -27.05 -35.03 -7.07
CA ALA B 134 -28.36 -35.63 -6.97
C ALA B 134 -29.05 -35.12 -5.71
N THR B 135 -30.35 -35.42 -5.63
CA THR B 135 -31.18 -35.06 -4.49
C THR B 135 -31.93 -36.30 -4.01
N ASN B 136 -32.53 -36.19 -2.82
CA ASN B 136 -33.29 -37.29 -2.25
C ASN B 136 -34.69 -37.41 -2.82
N GLU B 137 -35.13 -36.42 -3.60
CA GLU B 137 -36.45 -36.45 -4.22
C GLU B 137 -36.42 -36.79 -5.70
N THR B 138 -35.24 -37.09 -6.24
CA THR B 138 -35.07 -37.41 -7.66
C THR B 138 -34.34 -38.73 -7.78
N GLY B 139 -34.83 -39.60 -8.68
CA GLY B 139 -34.25 -40.90 -8.91
C GLY B 139 -32.93 -40.87 -9.66
N PRO B 140 -32.47 -42.06 -10.10
CA PRO B 140 -31.21 -42.13 -10.86
C PRO B 140 -31.26 -41.34 -12.17
N LEU B 141 -30.13 -40.74 -12.52
CA LEU B 141 -30.01 -39.88 -13.68
C LEU B 141 -29.15 -40.54 -14.75
N GLN B 142 -29.56 -40.39 -16.00
CA GLN B 142 -28.81 -40.88 -17.15
C GLN B 142 -28.03 -39.72 -17.75
N GLN B 143 -26.74 -39.91 -17.98
CA GLN B 143 -25.90 -38.85 -18.52
C GLN B 143 -25.06 -39.38 -19.67
N LEU B 144 -24.80 -38.50 -20.63
CA LEU B 144 -24.03 -38.82 -21.82
C LEU B 144 -22.93 -37.79 -22.02
N ILE B 145 -21.73 -38.27 -22.34
CA ILE B 145 -20.57 -37.45 -22.63
C ILE B 145 -20.14 -37.75 -24.06
N PHE B 146 -19.97 -36.69 -24.87
CA PHE B 146 -19.51 -36.85 -26.24
C PHE B 146 -18.09 -36.33 -26.36
N VAL B 147 -17.21 -37.13 -26.95
CA VAL B 147 -15.81 -36.74 -27.14
C VAL B 147 -15.51 -36.81 -28.63
N ASP B 148 -15.13 -35.66 -29.22
CA ASP B 148 -14.79 -35.59 -30.63
C ASP B 148 -13.31 -35.22 -30.75
N VAL B 149 -12.61 -35.94 -31.62
CA VAL B 149 -11.19 -35.74 -31.89
C VAL B 149 -11.04 -35.46 -33.38
N ALA B 150 -10.27 -34.42 -33.71
CA ALA B 150 -10.09 -34.05 -35.11
C ALA B 150 -8.72 -33.41 -35.29
N SER B 151 -8.31 -33.32 -36.56
CA SER B 151 -7.04 -32.72 -36.91
C SER B 151 -7.16 -32.08 -38.28
N MET B 152 -6.10 -31.40 -38.71
CA MET B 152 -6.09 -30.67 -39.97
C MET B 152 -4.76 -30.92 -40.68
N ALA B 153 -4.36 -32.20 -40.74
CA ALA B 153 -3.07 -32.56 -41.29
C ALA B 153 -3.22 -33.32 -42.61
N PRO B 154 -2.26 -33.17 -43.53
CA PRO B 154 -2.38 -33.91 -44.81
C PRO B 154 -2.10 -35.39 -44.69
N LEU B 155 -1.19 -35.80 -43.81
CA LEU B 155 -0.81 -37.20 -43.68
C LEU B 155 -1.52 -37.89 -42.52
N GLY B 156 -1.41 -37.36 -41.31
CA GLY B 156 -2.12 -37.91 -40.18
C GLY B 156 -1.42 -37.59 -38.88
N ALA B 157 -2.09 -37.95 -37.78
CA ALA B 157 -1.53 -37.82 -36.44
C ALA B 157 -1.85 -39.09 -35.66
N GLN B 158 -1.34 -39.15 -34.42
CA GLN B 158 -1.57 -40.27 -33.53
C GLN B 158 -2.00 -39.76 -32.17
N TYR B 159 -3.01 -40.41 -31.58
CA TYR B 159 -3.56 -39.98 -30.30
C TYR B 159 -3.94 -41.20 -29.47
N LYS B 160 -3.98 -41.01 -28.15
CA LYS B 160 -4.37 -42.03 -27.19
C LYS B 160 -5.34 -41.42 -26.20
N LEU B 161 -6.50 -42.05 -26.04
CA LEU B 161 -7.57 -41.56 -25.18
C LEU B 161 -7.84 -42.56 -24.06
N LEU B 162 -8.01 -42.06 -22.85
CA LEU B 162 -8.36 -42.91 -21.70
C LEU B 162 -9.28 -42.12 -20.80
N VAL B 163 -10.51 -42.62 -20.60
CA VAL B 163 -11.53 -41.95 -19.81
C VAL B 163 -11.90 -42.86 -18.65
N THR B 164 -11.72 -42.36 -17.42
CA THR B 164 -11.90 -43.18 -16.24
C THR B 164 -12.62 -42.40 -15.14
N LYS B 165 -13.36 -43.12 -14.31
CA LYS B 165 -14.04 -42.50 -13.18
C LYS B 165 -13.07 -42.33 -12.01
N LEU B 166 -13.44 -41.45 -11.07
CA LEU B 166 -12.63 -41.19 -9.89
C LEU B 166 -13.27 -41.89 -8.69
N LYS B 167 -12.46 -42.69 -7.98
CA LYS B 167 -12.94 -43.43 -6.83
C LYS B 167 -12.83 -42.62 -5.53
N HIS B 168 -11.78 -41.83 -5.39
CA HIS B 168 -11.52 -41.04 -4.19
C HIS B 168 -11.67 -39.56 -4.55
N PHE B 169 -12.82 -38.98 -4.22
CA PHE B 169 -13.12 -37.60 -4.57
C PHE B 169 -13.40 -36.71 -3.38
N GLN B 170 -13.83 -37.26 -2.24
CA GLN B 170 -14.28 -36.48 -1.09
C GLN B 170 -13.27 -36.61 0.04
N LEU B 171 -12.79 -35.47 0.52
CA LEU B 171 -11.90 -35.43 1.68
C LEU B 171 -12.70 -35.59 2.97
N ARG B 172 -12.11 -36.27 3.94
CA ARG B 172 -12.73 -36.48 5.24
C ARG B 172 -11.90 -35.80 6.32
N THR B 173 -12.49 -35.73 7.52
CA THR B 173 -11.87 -35.02 8.63
C THR B 173 -10.76 -35.85 9.24
N ASN B 174 -9.58 -35.24 9.41
CA ASN B 174 -8.38 -35.87 10.00
C ASN B 174 -7.94 -37.09 9.22
N VAL B 175 -7.87 -36.94 7.90
CA VAL B 175 -7.41 -37.99 6.99
C VAL B 175 -6.51 -37.33 5.95
N ALA B 176 -5.30 -37.87 5.78
CA ALA B 176 -4.29 -37.29 4.90
C ALA B 176 -4.26 -38.07 3.59
N PHE B 177 -4.25 -37.34 2.48
CA PHE B 177 -4.20 -37.95 1.16
C PHE B 177 -2.77 -37.95 0.63
N HIS B 178 -2.60 -38.51 -0.57
CA HIS B 178 -1.30 -38.62 -1.24
C HIS B 178 -1.57 -38.66 -2.74
N PHE B 179 -1.49 -37.49 -3.39
CA PHE B 179 -1.69 -37.38 -4.83
C PHE B 179 -0.41 -36.86 -5.47
N THR B 180 -0.50 -36.52 -6.76
CA THR B 180 0.65 -36.01 -7.51
C THR B 180 0.16 -35.07 -8.59
N ALA B 181 0.65 -33.84 -8.57
CA ALA B 181 0.26 -32.81 -9.51
C ALA B 181 1.35 -32.58 -10.56
N SER B 182 1.07 -31.64 -11.45
CA SER B 182 1.86 -31.36 -12.63
C SER B 182 1.42 -29.99 -13.17
N PRO B 183 2.29 -29.27 -13.90
CA PRO B 183 1.89 -27.95 -14.40
C PRO B 183 0.86 -27.98 -15.51
N SER B 184 0.63 -29.13 -16.14
CA SER B 184 -0.42 -29.26 -17.15
C SER B 184 -1.49 -30.26 -16.71
N GLN B 185 -1.59 -30.50 -15.40
CA GLN B 185 -2.62 -31.38 -14.82
C GLN B 185 -3.06 -30.79 -13.48
N PRO B 186 -3.99 -29.84 -13.50
CA PRO B 186 -4.44 -29.24 -12.24
C PRO B 186 -5.57 -30.04 -11.60
N GLN B 187 -5.68 -29.91 -10.27
CA GLN B 187 -6.53 -30.80 -9.50
C GLN B 187 -7.51 -29.99 -8.65
N TYR B 188 -8.62 -30.63 -8.29
CA TYR B 188 -9.59 -30.03 -7.39
C TYR B 188 -10.32 -31.11 -6.63
N PHE B 189 -10.70 -30.80 -5.39
CA PHE B 189 -11.39 -31.71 -4.51
C PHE B 189 -12.52 -30.98 -3.81
N LEU B 190 -13.38 -31.73 -3.14
CA LEU B 190 -14.58 -31.21 -2.50
C LEU B 190 -14.54 -31.50 -1.02
N TYR B 191 -15.02 -30.56 -0.20
CA TYR B 191 -15.15 -30.80 1.23
C TYR B 191 -16.50 -30.28 1.72
N LYS B 192 -17.09 -31.04 2.65
CA LYS B 192 -18.37 -30.73 3.26
C LYS B 192 -18.16 -30.46 4.75
N PHE B 193 -18.77 -29.39 5.26
CA PHE B 193 -18.68 -29.06 6.67
C PHE B 193 -19.45 -30.08 7.51
N PRO B 194 -18.96 -30.40 8.72
CA PRO B 194 -19.74 -31.25 9.62
C PRO B 194 -20.87 -30.50 10.31
N LYS B 195 -21.53 -31.14 11.27
CA LYS B 195 -22.67 -30.54 11.94
C LYS B 195 -22.29 -29.76 13.17
N ASP B 196 -21.10 -29.99 13.72
CA ASP B 196 -20.62 -29.29 14.91
C ASP B 196 -19.45 -28.35 14.62
N VAL B 197 -18.52 -28.79 13.78
CA VAL B 197 -17.37 -27.96 13.40
C VAL B 197 -17.84 -26.74 12.63
N ASP B 198 -17.38 -25.56 13.06
CA ASP B 198 -17.71 -24.30 12.39
C ASP B 198 -16.50 -23.60 11.80
N SER B 199 -15.31 -24.20 11.87
CA SER B 199 -14.11 -23.62 11.27
C SER B 199 -13.11 -24.72 11.04
N VAL B 200 -12.33 -24.58 9.97
CA VAL B 200 -11.39 -25.61 9.53
C VAL B 200 -10.08 -24.95 9.12
N ILE B 201 -8.96 -25.62 9.42
CA ILE B 201 -7.65 -25.23 8.94
C ILE B 201 -7.20 -26.27 7.91
N ILE B 202 -6.86 -25.81 6.71
CA ILE B 202 -6.33 -26.64 5.65
C ILE B 202 -4.82 -26.45 5.60
N LYS B 203 -4.08 -27.55 5.72
CA LYS B 203 -2.61 -27.51 5.74
C LYS B 203 -2.11 -28.30 4.55
N VAL B 204 -1.34 -27.65 3.68
CA VAL B 204 -0.78 -28.28 2.49
C VAL B 204 0.73 -28.24 2.61
N VAL B 205 1.37 -29.39 2.38
CA VAL B 205 2.79 -29.60 2.62
C VAL B 205 3.39 -30.29 1.40
N SER B 206 4.41 -29.68 0.80
CA SER B 206 5.15 -30.26 -0.32
C SER B 206 6.31 -31.09 0.22
N GLU B 207 7.24 -31.50 -0.65
CA GLU B 207 8.32 -32.33 -0.15
C GLU B 207 9.71 -31.73 -0.35
N MET B 208 10.10 -31.40 -1.58
CA MET B 208 11.50 -30.99 -1.72
C MET B 208 11.71 -29.49 -1.55
N ALA B 209 11.49 -28.73 -2.62
CA ALA B 209 11.41 -27.27 -2.55
C ALA B 209 10.53 -26.71 -3.66
N TYR B 210 10.49 -27.43 -4.79
CA TYR B 210 10.18 -26.90 -6.11
C TYR B 210 9.36 -27.92 -6.90
N PRO B 211 8.34 -27.48 -7.66
CA PRO B 211 8.07 -26.11 -8.12
C PRO B 211 6.97 -25.41 -7.34
N CYS B 212 6.77 -24.11 -7.57
CA CYS B 212 5.76 -23.36 -6.83
C CYS B 212 4.35 -23.74 -7.29
N SER B 213 3.36 -23.31 -6.51
CA SER B 213 1.98 -23.68 -6.78
C SER B 213 1.07 -22.61 -6.19
N VAL B 214 -0.20 -22.67 -6.59
CA VAL B 214 -1.25 -21.80 -6.09
C VAL B 214 -2.39 -22.69 -5.63
N VAL B 215 -2.94 -22.38 -4.46
CA VAL B 215 -4.05 -23.11 -3.88
C VAL B 215 -5.21 -22.13 -3.72
N SER B 216 -6.40 -22.56 -4.14
CA SER B 216 -7.58 -21.71 -4.10
C SER B 216 -8.73 -22.43 -3.40
N VAL B 217 -9.64 -21.64 -2.85
CA VAL B 217 -10.84 -22.14 -2.19
C VAL B 217 -12.04 -21.45 -2.83
N GLN B 218 -12.84 -22.20 -3.58
CA GLN B 218 -14.00 -21.67 -4.28
C GLN B 218 -15.28 -22.29 -3.73
N ASN B 219 -16.40 -21.69 -4.09
CA ASN B 219 -17.71 -22.16 -3.67
C ASN B 219 -18.24 -23.20 -4.67
N ILE B 220 -19.40 -23.78 -4.34
CA ILE B 220 -19.87 -24.97 -5.04
C ILE B 220 -20.77 -24.50 -6.19
N MET B 221 -20.14 -24.32 -7.35
CA MET B 221 -20.78 -24.14 -8.65
C MET B 221 -19.95 -24.93 -9.66
N CYS B 222 -20.22 -24.76 -10.95
CA CYS B 222 -19.34 -25.31 -11.98
C CYS B 222 -19.19 -24.46 -13.24
N PRO B 223 -18.79 -23.15 -13.13
CA PRO B 223 -17.80 -22.65 -14.08
C PRO B 223 -16.41 -22.70 -13.47
N VAL B 224 -15.95 -23.91 -13.12
CA VAL B 224 -14.77 -24.08 -12.29
C VAL B 224 -13.51 -23.57 -13.00
N TYR B 225 -12.65 -22.89 -12.24
CA TYR B 225 -11.46 -22.23 -12.77
C TYR B 225 -10.23 -23.05 -12.39
N ASP B 226 -9.70 -23.81 -13.33
CA ASP B 226 -8.52 -24.63 -13.10
C ASP B 226 -7.31 -24.19 -13.91
N LEU B 227 -7.49 -23.34 -14.91
CA LEU B 227 -6.37 -22.80 -15.65
C LEU B 227 -5.63 -21.75 -14.82
N ASP B 228 -4.37 -21.52 -15.19
CA ASP B 228 -3.49 -20.67 -14.37
C ASP B 228 -3.85 -19.19 -14.49
N HIS B 229 -4.31 -18.75 -15.66
CA HIS B 229 -4.55 -17.33 -15.88
C HIS B 229 -5.83 -16.81 -15.24
N ASN B 230 -6.76 -17.69 -14.87
CA ASN B 230 -8.01 -17.26 -14.23
C ASN B 230 -8.22 -17.90 -12.87
N VAL B 231 -7.16 -18.41 -12.25
CA VAL B 231 -7.30 -19.04 -10.94
C VAL B 231 -7.47 -18.02 -9.83
N GLU B 232 -7.07 -16.76 -10.05
CA GLU B 232 -7.13 -15.72 -9.03
C GLU B 232 -8.37 -14.84 -9.18
N PHE B 233 -9.35 -15.24 -9.99
CA PHE B 233 -10.54 -14.43 -10.18
C PHE B 233 -11.43 -14.44 -8.95
N ASN B 234 -11.73 -15.62 -8.42
CA ASN B 234 -12.60 -15.75 -7.26
C ASN B 234 -11.90 -16.58 -6.18
N GLY B 235 -12.25 -16.29 -4.93
CA GLY B 235 -11.88 -17.15 -3.82
C GLY B 235 -10.56 -16.75 -3.19
N VAL B 236 -10.37 -17.23 -1.96
CA VAL B 236 -9.09 -17.07 -1.27
C VAL B 236 -8.05 -17.95 -1.95
N TYR B 237 -6.91 -17.36 -2.29
CA TYR B 237 -5.83 -18.08 -2.95
C TYR B 237 -4.50 -17.72 -2.30
N GLN B 238 -3.60 -18.70 -2.26
CA GLN B 238 -2.27 -18.53 -1.68
C GLN B 238 -1.22 -19.17 -2.57
N SER B 239 -0.11 -18.46 -2.76
CA SER B 239 1.08 -19.04 -3.36
C SER B 239 1.84 -19.86 -2.32
N MET B 240 2.34 -21.02 -2.73
CA MET B 240 3.02 -21.94 -1.83
C MET B 240 4.18 -22.59 -2.56
N THR B 241 5.33 -22.70 -1.89
CA THR B 241 6.42 -23.52 -2.39
C THR B 241 6.73 -24.73 -1.51
N LYS B 242 6.55 -24.65 -0.19
CA LYS B 242 6.70 -25.83 0.64
C LYS B 242 5.54 -26.00 1.62
N LYS B 243 4.97 -24.90 2.09
CA LYS B 243 3.93 -24.94 3.11
C LYS B 243 2.81 -23.96 2.77
N ALA B 244 1.60 -24.31 3.20
CA ALA B 244 0.45 -23.43 3.06
C ALA B 244 -0.55 -23.76 4.16
N ALA B 245 -1.22 -22.74 4.69
CA ALA B 245 -2.23 -22.91 5.72
C ALA B 245 -3.35 -21.91 5.49
N ILE B 246 -4.57 -22.41 5.34
CA ILE B 246 -5.76 -21.59 5.06
C ILE B 246 -6.76 -21.80 6.18
N THR B 247 -7.36 -20.71 6.66
CA THR B 247 -8.38 -20.77 7.70
C THR B 247 -9.74 -20.44 7.09
N LEU B 248 -10.73 -21.30 7.34
CA LEU B 248 -12.05 -21.14 6.77
C LEU B 248 -13.12 -21.26 7.85
N GLN B 249 -14.24 -20.58 7.61
CA GLN B 249 -15.35 -20.52 8.54
C GLN B 249 -16.61 -21.07 7.89
N LYS B 250 -17.61 -21.36 8.72
CA LYS B 250 -18.83 -22.00 8.24
C LYS B 250 -19.89 -21.00 7.80
N LYS B 251 -19.87 -19.78 8.31
CA LYS B 251 -20.91 -18.80 8.05
C LYS B 251 -20.74 -18.08 6.71
N ASP B 252 -19.64 -18.31 6.00
CA ASP B 252 -19.33 -17.59 4.77
C ASP B 252 -19.54 -18.43 3.52
N PHE B 253 -20.02 -19.66 3.65
CA PHE B 253 -20.18 -20.56 2.50
C PHE B 253 -21.62 -21.02 2.40
N PRO B 254 -22.33 -20.71 1.30
CA PRO B 254 -23.73 -21.13 1.15
C PRO B 254 -23.84 -22.57 0.72
N GLY B 255 -24.38 -23.41 1.61
CA GLY B 255 -24.49 -24.84 1.36
C GLY B 255 -23.48 -25.70 2.07
N GLU B 256 -22.48 -25.07 2.72
CA GLU B 256 -21.49 -25.74 3.58
C GLU B 256 -20.62 -26.73 2.81
N GLN B 257 -20.40 -26.48 1.52
CA GLN B 257 -19.51 -27.28 0.69
C GLN B 257 -18.60 -26.35 -0.07
N PHE B 258 -17.36 -26.77 -0.29
CA PHE B 258 -16.44 -25.94 -1.06
C PHE B 258 -15.46 -26.80 -1.84
N PHE B 259 -14.78 -26.15 -2.79
CA PHE B 259 -13.81 -26.77 -3.67
C PHE B 259 -12.42 -26.25 -3.36
N VAL B 260 -11.47 -27.18 -3.16
CA VAL B 260 -10.07 -26.84 -2.99
C VAL B 260 -9.36 -27.15 -4.30
N VAL B 261 -8.70 -26.15 -4.87
CA VAL B 261 -8.09 -26.24 -6.20
C VAL B 261 -6.58 -26.08 -6.06
N PHE B 262 -5.85 -27.02 -6.66
CA PHE B 262 -4.39 -26.99 -6.68
C PHE B 262 -3.94 -26.81 -8.13
N VAL B 263 -3.07 -25.83 -8.36
CA VAL B 263 -2.52 -25.60 -9.69
C VAL B 263 -1.02 -25.31 -9.53
N ILE B 264 -0.21 -25.81 -10.47
CA ILE B 264 1.24 -25.71 -10.39
C ILE B 264 1.72 -24.60 -11.31
N LYS B 265 2.66 -23.76 -10.81
CA LYS B 265 3.13 -22.66 -11.63
C LYS B 265 4.17 -23.14 -12.63
N PRO B 266 4.13 -22.65 -13.88
CA PRO B 266 5.12 -23.11 -14.86
C PRO B 266 6.52 -22.56 -14.62
N GLU B 267 6.64 -21.29 -14.27
CA GLU B 267 7.94 -20.65 -14.06
C GLU B 267 8.02 -20.12 -12.64
N ASP B 268 9.03 -20.56 -11.90
CA ASP B 268 9.21 -20.15 -10.51
C ASP B 268 10.02 -18.86 -10.47
N TYR B 269 9.33 -17.75 -10.70
CA TYR B 269 9.91 -16.41 -10.62
C TYR B 269 9.39 -15.60 -9.45
N ALA B 270 8.09 -15.72 -9.14
CA ALA B 270 7.49 -14.94 -8.06
C ALA B 270 8.03 -15.36 -6.70
N CYS B 271 8.35 -16.65 -6.53
CA CYS B 271 8.85 -17.14 -5.25
C CYS B 271 10.31 -16.77 -4.99
N GLY B 272 11.03 -16.28 -5.99
CA GLY B 272 12.38 -15.78 -5.80
C GLY B 272 13.46 -16.52 -6.57
N GLY B 273 13.17 -17.67 -7.15
CA GLY B 273 14.19 -18.48 -7.79
C GLY B 273 14.56 -18.04 -9.18
N SER B 274 14.71 -19.01 -10.09
CA SER B 274 15.16 -18.74 -11.45
C SER B 274 14.35 -19.63 -12.38
N PHE B 275 14.83 -19.77 -13.62
CA PHE B 275 14.26 -20.63 -14.68
C PHE B 275 12.82 -20.25 -15.00
N ASN B 286 10.53 -29.00 -19.18
CA ASN B 286 10.54 -29.16 -20.63
C ASN B 286 10.04 -30.55 -20.99
N LEU B 287 10.42 -31.55 -20.18
CA LEU B 287 9.94 -32.91 -20.36
C LEU B 287 8.78 -33.23 -19.42
N GLN B 288 8.98 -33.02 -18.12
CA GLN B 288 8.00 -33.20 -17.05
C GLN B 288 8.54 -32.54 -15.78
N ARG B 289 7.65 -31.95 -15.00
CA ARG B 289 8.05 -31.30 -13.76
C ARG B 289 7.71 -32.15 -12.53
N LYS B 290 6.41 -32.38 -12.30
CA LYS B 290 5.80 -33.27 -11.30
C LYS B 290 5.89 -32.66 -9.90
N LYS B 291 4.95 -33.04 -9.02
CA LYS B 291 4.99 -32.55 -7.64
C LYS B 291 4.19 -33.49 -6.76
N ASN B 292 4.68 -33.72 -5.54
CA ASN B 292 4.06 -34.63 -4.58
C ASN B 292 3.62 -33.81 -3.36
N LEU B 293 2.33 -33.54 -3.26
CA LEU B 293 1.77 -32.71 -2.21
C LEU B 293 1.19 -33.59 -1.10
N GLU B 294 0.67 -32.93 -0.06
CA GLU B 294 -0.05 -33.61 1.02
C GLU B 294 -0.96 -32.62 1.71
N VAL B 295 -2.25 -32.97 1.84
CA VAL B 295 -3.27 -32.05 2.33
C VAL B 295 -3.91 -32.67 3.57
N THR B 296 -4.11 -31.84 4.61
CA THR B 296 -4.73 -32.28 5.85
C THR B 296 -5.72 -31.23 6.34
N ILE B 297 -6.92 -31.67 6.70
CA ILE B 297 -7.96 -30.79 7.24
C ILE B 297 -8.06 -31.03 8.74
N VAL B 298 -7.96 -29.96 9.53
CA VAL B 298 -8.05 -30.10 10.98
C VAL B 298 -9.10 -29.13 11.53
N PRO B 299 -9.77 -29.47 12.63
CA PRO B 299 -10.69 -28.54 13.27
C PRO B 299 -9.94 -27.46 14.05
N SER B 300 -10.71 -26.52 14.59
CA SER B 300 -10.17 -25.38 15.32
C SER B 300 -10.59 -25.45 16.79
N ILE B 301 -9.98 -24.56 17.59
CA ILE B 301 -10.18 -24.60 19.03
C ILE B 301 -11.55 -24.04 19.40
N LYS B 302 -11.98 -24.35 20.62
CA LYS B 302 -13.29 -23.95 21.12
C LYS B 302 -13.24 -22.51 21.63
N GLU B 303 -14.29 -22.11 22.36
CA GLU B 303 -14.40 -20.76 22.89
C GLU B 303 -13.86 -20.65 24.31
N SER B 304 -13.70 -21.78 25.01
CA SER B 304 -13.24 -21.76 26.40
C SER B 304 -11.79 -21.32 26.52
N VAL B 305 -10.97 -21.62 25.51
CA VAL B 305 -9.55 -21.26 25.53
C VAL B 305 -9.38 -19.74 25.49
N TYR B 306 -10.26 -19.04 24.76
CA TYR B 306 -10.23 -17.58 24.68
C TYR B 306 -10.51 -16.90 26.03
N VAL B 307 -11.16 -17.60 26.95
CA VAL B 307 -11.39 -17.08 28.30
C VAL B 307 -10.29 -17.54 29.24
N LYS B 308 -9.92 -18.82 29.15
CA LYS B 308 -8.93 -19.42 30.04
C LYS B 308 -7.51 -18.88 29.80
N SER B 309 -7.26 -18.27 28.65
CA SER B 309 -5.96 -17.65 28.41
C SER B 309 -5.95 -16.17 28.78
N SER B 310 -7.04 -15.46 28.52
CA SER B 310 -7.11 -14.05 28.89
C SER B 310 -7.20 -13.87 30.40
N LEU B 311 -7.83 -14.83 31.10
CA LEU B 311 -7.87 -14.76 32.56
C LEU B 311 -6.48 -14.99 33.14
N PHE B 312 -5.69 -15.89 32.53
CA PHE B 312 -4.32 -16.09 32.99
C PHE B 312 -3.47 -14.86 32.68
N SER B 313 -3.62 -14.30 31.47
CA SER B 313 -2.83 -13.17 31.00
C SER B 313 -3.32 -11.82 31.54
N VAL B 314 -4.29 -11.85 32.46
CA VAL B 314 -4.64 -10.67 33.24
C VAL B 314 -4.63 -10.95 34.73
N PHE B 315 -4.43 -12.22 35.13
CA PHE B 315 -4.26 -12.59 36.53
C PHE B 315 -2.82 -12.99 36.87
N ILE B 316 -1.87 -12.80 35.95
CA ILE B 316 -0.47 -13.08 36.27
C ILE B 316 0.29 -11.78 36.61
N PHE B 317 -0.27 -10.62 36.25
CA PHE B 317 0.41 -9.35 36.49
C PHE B 317 -0.18 -8.56 37.65
N LEU B 318 -1.07 -9.16 38.45
CA LEU B 318 -1.52 -8.56 39.69
C LEU B 318 -0.82 -9.14 40.91
N SER B 319 -0.14 -10.28 40.76
CA SER B 319 0.69 -10.81 41.83
C SER B 319 1.86 -9.89 42.13
N PHE B 320 2.38 -9.19 41.12
CA PHE B 320 3.40 -8.17 41.35
C PHE B 320 2.88 -7.02 42.19
N TYR B 321 1.63 -6.60 41.92
CA TYR B 321 0.98 -5.55 42.72
C TYR B 321 0.80 -6.00 44.17
N LEU B 322 0.27 -7.21 44.36
CA LEU B 322 0.10 -7.77 45.70
C LEU B 322 1.42 -7.90 46.44
N GLY B 323 2.47 -8.35 45.74
CA GLY B 323 3.79 -8.48 46.35
C GLY B 323 4.39 -7.14 46.75
N CYS B 324 4.31 -6.15 45.87
CA CYS B 324 4.83 -4.82 46.18
C CYS B 324 4.08 -4.18 47.34
N LEU B 325 2.75 -4.33 47.36
CA LEU B 325 1.95 -3.86 48.50
C LEU B 325 2.36 -4.54 49.80
N LEU B 326 2.51 -5.87 49.77
CA LEU B 326 2.91 -6.63 50.97
C LEU B 326 4.30 -6.22 51.47
N VAL B 327 5.25 -6.01 50.55
CA VAL B 327 6.59 -5.59 50.94
C VAL B 327 6.57 -4.16 51.49
N GLY B 328 5.79 -3.28 50.86
CA GLY B 328 5.77 -1.89 51.30
C GLY B 328 5.10 -1.69 52.66
N PHE B 329 3.93 -2.28 52.86
CA PHE B 329 3.17 -2.08 54.09
C PHE B 329 3.51 -3.14 55.14
N VAL B 330 4.80 -3.28 55.44
CA VAL B 330 5.26 -4.19 56.49
C VAL B 330 6.29 -3.48 57.35
N HIS B 331 6.71 -2.29 56.92
CA HIS B 331 7.76 -1.51 57.59
C HIS B 331 7.37 -1.14 59.02
N TYR B 332 8.14 -1.66 59.98
CA TYR B 332 7.93 -1.49 61.43
C TYR B 332 6.53 -1.90 61.88
N LEU B 333 6.02 -2.96 61.25
CA LEU B 333 4.67 -3.52 61.47
C LEU B 333 3.58 -2.46 61.35
N ARG B 334 3.67 -1.64 60.31
CA ARG B 334 2.65 -0.60 60.07
C ARG B 334 1.42 -1.20 59.41
N ILE B 443 8.51 21.21 33.86
CA ILE B 443 7.35 20.92 33.03
C ILE B 443 7.79 20.56 31.61
N TYR B 444 8.97 19.95 31.51
CA TYR B 444 9.48 19.47 30.22
C TYR B 444 8.58 18.37 29.64
N PHE B 445 8.00 17.53 30.51
CA PHE B 445 7.11 16.45 30.10
C PHE B 445 5.91 16.96 29.30
N TRP B 446 5.40 18.14 29.64
CA TRP B 446 4.26 18.75 28.94
C TRP B 446 4.54 19.00 27.47
N ASN B 447 5.79 19.32 27.12
CA ASN B 447 6.18 19.56 25.74
C ASN B 447 6.60 18.29 25.00
N ILE B 448 6.30 17.12 25.56
CA ILE B 448 6.61 15.85 24.91
C ILE B 448 5.36 15.14 24.39
N ILE B 449 4.19 15.40 25.00
CA ILE B 449 2.92 14.83 24.53
C ILE B 449 2.58 15.33 23.13
N THR B 450 2.80 16.64 22.88
CA THR B 450 2.55 17.22 21.57
C THR B 450 3.42 16.62 20.47
N ILE B 451 4.58 16.08 20.82
CA ILE B 451 5.42 15.41 19.83
C ILE B 451 5.06 13.93 19.73
N ALA B 452 4.65 13.32 20.85
CA ALA B 452 4.21 11.93 20.86
C ALA B 452 2.92 11.72 20.09
N VAL B 453 2.08 12.75 19.96
CA VAL B 453 0.83 12.61 19.22
C VAL B 453 1.03 13.02 17.76
N PHE B 454 2.29 13.25 17.37
CA PHE B 454 2.61 13.54 15.97
C PHE B 454 3.04 12.29 15.20
N TYR B 455 3.71 11.36 15.86
CA TYR B 455 4.30 10.20 15.21
C TYR B 455 3.47 8.93 15.39
N ALA B 456 2.17 9.07 15.61
CA ALA B 456 1.31 7.91 15.82
C ALA B 456 0.14 7.83 14.85
N LEU B 457 -0.41 8.97 14.42
CA LEU B 457 -1.60 9.01 13.55
C LEU B 457 -1.41 8.46 12.14
N PRO B 458 -0.25 8.59 11.46
CA PRO B 458 -0.07 7.81 10.22
C PRO B 458 -0.15 6.30 10.41
N VAL B 459 0.28 5.77 11.55
CA VAL B 459 0.14 4.33 11.81
C VAL B 459 -1.33 3.95 11.94
N ILE B 460 -2.11 4.78 12.64
CA ILE B 460 -3.53 4.48 12.88
C ILE B 460 -4.38 5.13 11.80
N GLN B 461 -3.74 5.49 10.68
CA GLN B 461 -4.44 5.67 9.43
C GLN B 461 -4.01 4.70 8.33
N LEU B 462 -2.83 4.07 8.46
CA LEU B 462 -2.33 3.14 7.46
C LEU B 462 -2.66 1.69 7.79
N VAL B 463 -2.63 1.31 9.07
CA VAL B 463 -2.72 -0.11 9.45
C VAL B 463 -4.13 -0.64 9.21
N ILE B 464 -5.15 0.09 9.65
CA ILE B 464 -6.53 -0.37 9.46
C ILE B 464 -6.93 -0.31 7.99
N THR B 465 -6.35 0.63 7.24
CA THR B 465 -6.56 0.68 5.79
C THR B 465 -5.98 -0.55 5.10
N TYR B 466 -4.75 -0.93 5.47
CA TYR B 466 -4.15 -2.15 4.94
C TYR B 466 -4.93 -3.40 5.34
N GLN B 467 -5.42 -3.43 6.59
CA GLN B 467 -6.22 -4.56 7.06
C GLN B 467 -7.53 -4.67 6.29
N THR B 468 -8.17 -3.54 6.00
CA THR B 468 -9.40 -3.52 5.21
C THR B 468 -9.13 -3.97 3.77
N VAL B 469 -7.99 -3.55 3.20
CA VAL B 469 -7.61 -3.96 1.84
C VAL B 469 -7.39 -5.47 1.78
N VAL B 470 -6.70 -6.03 2.77
CA VAL B 470 -6.49 -7.48 2.82
C VAL B 470 -7.80 -8.23 3.05
N ASN B 471 -8.68 -7.68 3.89
CA ASN B 471 -9.95 -8.34 4.17
C ASN B 471 -11.01 -8.12 3.10
N VAL B 472 -10.73 -7.30 2.09
CA VAL B 472 -11.68 -7.05 1.01
C VAL B 472 -11.24 -7.72 -0.30
N THR B 473 -9.98 -7.49 -0.73
CA THR B 473 -9.62 -7.88 -2.09
C THR B 473 -9.43 -9.39 -2.24
N GLY B 474 -9.06 -10.11 -1.16
CA GLY B 474 -8.90 -11.54 -1.17
C GLY B 474 -7.47 -12.01 -1.05
N ASN B 475 -6.52 -11.26 -1.61
CA ASN B 475 -5.11 -11.61 -1.63
C ASN B 475 -4.50 -11.69 -0.23
N GLN B 476 -4.12 -12.90 0.19
CA GLN B 476 -3.46 -13.10 1.47
C GLN B 476 -1.94 -13.15 1.28
N ASP B 477 -1.41 -12.07 0.68
CA ASP B 477 0.02 -11.99 0.39
C ASP B 477 0.58 -10.60 0.69
N ILE B 478 -0.13 -9.77 1.46
CA ILE B 478 0.30 -8.44 1.77
C ILE B 478 0.83 -8.30 3.20
N CYS B 479 0.30 -9.08 4.14
CA CYS B 479 0.77 -9.08 5.51
C CYS B 479 1.55 -10.37 5.79
N TYR B 480 2.44 -10.30 6.78
CA TYR B 480 3.36 -11.40 7.07
C TYR B 480 3.06 -11.90 8.49
N TYR B 481 2.07 -12.80 8.60
CA TYR B 481 1.70 -13.36 9.89
C TYR B 481 2.47 -14.65 10.14
N ASN B 482 2.10 -15.35 11.21
CA ASN B 482 2.46 -16.75 11.44
C ASN B 482 1.20 -17.56 11.16
N PHE B 483 1.17 -18.25 10.01
CA PHE B 483 -0.06 -18.80 9.48
C PHE B 483 -0.50 -20.10 10.16
N LEU B 484 0.26 -20.59 11.14
CA LEU B 484 -0.16 -21.72 11.94
C LEU B 484 -0.58 -21.34 13.35
N CYS B 485 -0.31 -20.10 13.77
CA CYS B 485 -0.71 -19.62 15.09
C CYS B 485 -1.29 -18.21 15.00
N ALA B 486 -2.15 -17.98 14.02
CA ALA B 486 -2.87 -16.71 13.87
C ALA B 486 -4.35 -16.95 14.14
N HIS B 487 -4.74 -16.78 15.40
CA HIS B 487 -6.14 -16.96 15.77
C HIS B 487 -6.93 -15.70 15.43
N PRO B 488 -8.07 -15.83 14.74
CA PRO B 488 -8.86 -14.64 14.40
C PRO B 488 -9.96 -14.33 15.42
N LEU B 489 -10.25 -13.04 15.61
CA LEU B 489 -11.42 -12.63 16.38
C LEU B 489 -11.91 -11.31 15.84
N GLY B 490 -13.18 -11.28 15.41
CA GLY B 490 -13.76 -10.06 14.87
C GLY B 490 -13.11 -9.62 13.57
N VAL B 491 -12.86 -8.31 13.48
CA VAL B 491 -12.14 -7.77 12.32
C VAL B 491 -10.67 -8.17 12.37
N LEU B 492 -10.10 -8.25 13.57
CA LEU B 492 -8.70 -8.64 13.73
C LEU B 492 -8.49 -10.10 13.35
N SER B 493 -7.39 -10.37 12.64
CA SER B 493 -7.06 -11.71 12.20
C SER B 493 -5.93 -12.33 13.01
N ALA B 494 -5.35 -11.61 13.97
CA ALA B 494 -4.29 -12.12 14.83
C ALA B 494 -4.55 -11.58 16.24
N PHE B 495 -5.23 -12.38 17.05
CA PHE B 495 -5.57 -12.00 18.42
C PHE B 495 -4.69 -12.73 19.44
N ASN B 496 -3.47 -13.07 19.07
CA ASN B 496 -2.47 -13.55 20.02
C ASN B 496 -1.20 -12.71 20.00
N ASN B 497 -1.18 -11.60 19.26
CA ASN B 497 -0.09 -10.64 19.28
C ASN B 497 -0.56 -9.25 19.68
N ILE B 498 -1.80 -9.13 20.14
CA ILE B 498 -2.35 -7.85 20.60
C ILE B 498 -2.78 -7.91 22.06
N LEU B 499 -2.87 -9.09 22.65
CA LEU B 499 -3.20 -9.26 24.05
C LEU B 499 -1.98 -9.60 24.89
N SER B 500 -0.82 -9.82 24.27
CA SER B 500 0.41 -10.02 24.99
C SER B 500 1.19 -8.72 25.19
N ASN B 501 0.90 -7.69 24.40
CA ASN B 501 1.45 -6.35 24.60
C ASN B 501 0.74 -5.57 25.70
N LEU B 502 -0.18 -6.20 26.45
CA LEU B 502 -0.85 -5.58 27.58
C LEU B 502 0.03 -5.57 28.84
N GLY B 503 1.23 -6.14 28.77
CA GLY B 503 2.13 -6.10 29.90
C GLY B 503 2.85 -4.77 30.05
N HIS B 504 3.14 -4.09 28.94
CA HIS B 504 3.84 -2.81 28.97
C HIS B 504 2.99 -1.73 29.65
N VAL B 505 1.75 -1.57 29.20
CA VAL B 505 0.87 -0.50 29.70
C VAL B 505 0.28 -0.82 31.07
N LEU B 506 0.62 -1.96 31.66
CA LEU B 506 0.21 -2.30 33.02
C LEU B 506 1.39 -2.40 33.98
N LEU B 507 2.59 -2.69 33.50
CA LEU B 507 3.78 -2.66 34.32
C LEU B 507 4.55 -1.35 34.16
N GLY B 508 4.03 -0.41 33.39
CA GLY B 508 4.56 0.94 33.40
C GLY B 508 3.75 1.87 34.28
N PHE B 509 3.02 1.27 35.22
CA PHE B 509 2.16 2.03 36.13
C PHE B 509 2.48 1.77 37.59
N LEU B 510 3.44 0.89 37.88
CA LEU B 510 3.94 0.74 39.24
C LEU B 510 5.07 1.71 39.56
N PHE B 511 5.67 2.35 38.55
CA PHE B 511 6.59 3.43 38.82
C PHE B 511 5.88 4.71 39.23
N LEU B 512 4.75 5.03 38.58
CA LEU B 512 4.00 6.23 38.97
C LEU B 512 2.95 5.92 40.03
N LEU B 513 3.38 5.15 41.02
CA LEU B 513 2.72 4.99 42.30
C LEU B 513 3.74 4.88 43.43
N ILE B 514 5.00 4.59 43.11
CA ILE B 514 6.07 4.46 44.09
C ILE B 514 6.96 5.70 44.08
N VAL B 515 7.43 6.13 42.89
CA VAL B 515 8.30 7.29 42.85
C VAL B 515 7.52 8.57 43.14
N LEU B 516 6.21 8.59 42.88
CA LEU B 516 5.40 9.76 43.28
C LEU B 516 5.24 9.81 44.79
N ARG B 517 5.09 8.65 45.43
CA ARG B 517 5.03 8.60 46.89
C ARG B 517 6.36 9.00 47.51
N ARG B 518 7.46 8.59 46.87
CA ARG B 518 8.79 8.97 47.35
C ARG B 518 9.03 10.46 47.18
N ASP B 519 8.56 11.04 46.07
CA ASP B 519 8.62 12.48 45.85
C ASP B 519 7.82 13.24 46.91
N ILE B 520 6.61 12.76 47.20
CA ILE B 520 5.75 13.40 48.21
C ILE B 520 6.39 13.32 49.59
N LEU B 521 6.94 12.15 49.94
CA LEU B 521 7.61 11.97 51.23
C LEU B 521 8.86 12.84 51.35
N HIS B 522 9.65 12.93 50.27
CA HIS B 522 10.88 13.70 50.33
C HIS B 522 10.60 15.20 50.37
N ARG B 523 9.62 15.68 49.62
CA ARG B 523 9.22 17.07 49.71
C ARG B 523 8.64 17.43 51.07
N ARG B 524 7.82 16.53 51.64
CA ARG B 524 7.32 16.71 53.01
C ARG B 524 8.46 16.79 54.03
N ALA B 525 9.43 15.87 53.91
CA ALA B 525 10.59 15.88 54.81
C ALA B 525 11.44 17.13 54.62
N LEU B 526 11.54 17.65 53.40
CA LEU B 526 12.24 18.91 53.17
C LEU B 526 11.47 20.08 53.78
N GLU B 527 10.13 20.04 53.70
CA GLU B 527 9.31 21.12 54.23
C GLU B 527 9.36 21.17 55.75
N ALA B 528 9.33 20.01 56.42
CA ALA B 528 9.32 19.99 57.89
C ALA B 528 10.71 19.82 58.47
N LYS B 529 11.38 18.71 58.19
CA LYS B 529 12.68 18.40 58.73
C LYS B 529 13.77 19.10 57.93
N ASP B 530 15.01 19.03 58.44
CA ASP B 530 16.16 19.56 57.72
C ASP B 530 16.71 18.43 56.86
N ILE B 531 16.41 18.48 55.56
CA ILE B 531 16.86 17.44 54.64
C ILE B 531 18.31 17.60 54.21
N PHE B 532 18.96 18.70 54.59
CA PHE B 532 20.36 18.92 54.22
C PHE B 532 21.31 18.26 55.21
N ALA B 533 20.78 17.61 56.23
CA ALA B 533 21.60 16.94 57.24
C ALA B 533 21.71 15.46 56.91
N VAL B 534 22.95 14.99 56.73
CA VAL B 534 23.33 13.59 56.53
C VAL B 534 22.79 13.06 55.21
N GLU B 535 22.77 13.91 54.18
CA GLU B 535 22.20 13.53 52.90
C GLU B 535 23.33 13.15 51.94
N TYR B 536 22.96 12.79 50.71
CA TYR B 536 23.93 12.33 49.72
C TYR B 536 23.74 13.12 48.42
N GLY B 537 24.50 14.21 48.28
CA GLY B 537 24.65 14.94 47.03
C GLY B 537 23.41 15.46 46.33
N ILE B 538 22.75 16.45 46.92
CA ILE B 538 21.56 17.13 46.38
C ILE B 538 20.43 16.12 46.15
N PRO B 539 19.76 15.65 47.23
CA PRO B 539 18.73 14.58 47.11
C PRO B 539 17.58 14.82 46.13
N LYS B 540 17.35 16.05 45.69
CA LYS B 540 16.40 16.31 44.62
C LYS B 540 16.97 15.75 43.32
N HIS B 541 16.41 14.63 42.85
CA HIS B 541 16.99 13.91 41.72
C HIS B 541 15.97 13.46 40.68
N PHE B 542 14.66 13.61 40.93
CA PHE B 542 13.63 13.04 40.08
C PHE B 542 13.45 13.87 38.81
N GLY B 543 12.39 13.57 38.05
CA GLY B 543 12.14 14.19 36.77
C GLY B 543 12.57 13.36 35.58
N LEU B 544 13.42 12.36 35.79
CA LEU B 544 13.74 11.39 34.75
C LEU B 544 12.94 10.11 34.88
N PHE B 545 12.53 9.74 36.10
CA PHE B 545 11.66 8.58 36.28
C PHE B 545 10.29 8.80 35.65
N TYR B 546 9.78 10.05 35.66
CA TYR B 546 8.54 10.35 34.96
C TYR B 546 8.67 10.30 33.44
N ALA B 547 9.86 10.49 32.89
CA ALA B 547 10.09 10.29 31.46
C ALA B 547 10.60 8.90 31.14
N MET B 548 10.81 8.07 32.16
CA MET B 548 11.11 6.64 31.98
C MET B 548 9.85 5.79 32.02
N GLY B 549 9.01 5.98 33.03
CA GLY B 549 7.81 5.18 33.21
C GLY B 549 6.65 5.48 32.29
N ILE B 550 6.80 6.39 31.34
CA ILE B 550 5.78 6.63 30.33
C ILE B 550 6.24 6.18 28.94
N ALA B 551 7.54 5.95 28.75
CA ALA B 551 8.03 5.39 27.50
C ALA B 551 7.69 3.91 27.38
N LEU B 552 7.42 3.24 28.50
CA LEU B 552 6.90 1.87 28.45
C LEU B 552 5.53 1.83 27.79
N MET B 553 4.63 2.75 28.17
CA MET B 553 3.33 2.83 27.53
C MET B 553 3.45 3.31 26.09
N MET B 554 4.40 4.18 25.80
CA MET B 554 4.55 4.72 24.44
C MET B 554 5.35 3.78 23.55
N GLU B 555 5.90 2.70 24.12
CA GLU B 555 6.44 1.57 23.36
C GLU B 555 5.43 0.44 23.24
N GLY B 556 4.57 0.27 24.23
CA GLY B 556 3.56 -0.78 24.16
C GLY B 556 2.45 -0.45 23.19
N VAL B 557 1.97 0.81 23.20
CA VAL B 557 0.94 1.22 22.25
C VAL B 557 1.49 1.21 20.83
N LEU B 558 2.76 1.58 20.65
CA LEU B 558 3.37 1.56 19.33
C LEU B 558 3.73 0.14 18.86
N SER B 559 3.91 -0.80 19.80
CA SER B 559 4.11 -2.19 19.42
C SER B 559 2.80 -2.92 19.14
N ALA B 560 1.71 -2.49 19.76
CA ALA B 560 0.41 -3.13 19.55
C ALA B 560 -0.31 -2.65 18.29
N CYS B 561 0.39 -1.92 17.40
CA CYS B 561 -0.16 -1.56 16.10
C CYS B 561 0.66 -2.08 14.93
N TYR B 562 1.85 -2.62 15.17
CA TYR B 562 2.66 -3.22 14.11
C TYR B 562 2.29 -4.66 13.84
N HIS B 563 1.77 -5.38 14.84
CA HIS B 563 1.44 -6.79 14.72
C HIS B 563 0.03 -7.03 14.19
N VAL B 564 -0.54 -6.06 13.48
CA VAL B 564 -1.83 -6.25 12.82
C VAL B 564 -1.58 -6.53 11.34
N CYS B 565 -0.46 -6.01 10.82
CA CYS B 565 0.00 -6.32 9.47
C CYS B 565 1.50 -6.02 9.34
N PRO B 566 2.37 -6.98 9.67
CA PRO B 566 3.80 -6.81 9.37
C PRO B 566 4.06 -6.73 7.88
N ASN B 567 4.72 -5.67 7.45
CA ASN B 567 4.91 -5.41 6.03
C ASN B 567 6.25 -4.68 5.87
N TYR B 568 6.44 -4.03 4.72
CA TYR B 568 7.65 -3.28 4.42
C TYR B 568 7.46 -1.79 4.67
N SER B 569 6.24 -1.27 4.43
CA SER B 569 5.94 0.13 4.72
C SER B 569 6.01 0.43 6.22
N ASN B 570 5.53 -0.50 7.05
CA ASN B 570 5.67 -0.35 8.50
C ASN B 570 7.10 -0.57 8.97
N PHE B 571 7.93 -1.21 8.15
CA PHE B 571 9.39 -1.39 8.33
C PHE B 571 9.65 -2.15 9.62
N GLN B 572 10.53 -1.69 10.51
CA GLN B 572 10.76 -2.34 11.78
C GLN B 572 10.46 -1.38 12.92
N PHE B 573 9.31 -0.72 12.85
CA PHE B 573 8.92 0.28 13.85
C PHE B 573 8.29 -0.36 15.09
N ASP B 574 8.96 -1.34 15.67
CA ASP B 574 8.59 -1.92 16.95
C ASP B 574 9.69 -1.76 17.99
N THR B 575 10.93 -2.05 17.64
CA THR B 575 12.07 -1.79 18.51
C THR B 575 12.73 -0.47 18.13
N SER B 576 11.92 0.60 18.20
CA SER B 576 12.37 1.95 17.86
C SER B 576 12.50 2.84 19.08
N PHE B 577 11.53 2.85 19.99
CA PHE B 577 11.67 3.58 21.23
C PHE B 577 12.39 2.79 22.30
N MET B 578 12.58 1.48 22.09
CA MET B 578 13.38 0.68 23.01
C MET B 578 14.86 1.05 22.91
N TYR B 579 15.28 1.58 21.76
CA TYR B 579 16.62 2.13 21.63
C TYR B 579 16.82 3.33 22.55
N MET B 580 15.81 4.20 22.65
CA MET B 580 15.86 5.31 23.61
C MET B 580 15.82 4.80 25.05
N ILE B 581 14.93 3.84 25.32
CA ILE B 581 14.72 3.29 26.67
C ILE B 581 15.99 2.62 27.20
N ALA B 582 16.80 2.04 26.31
CA ALA B 582 18.05 1.43 26.74
C ALA B 582 19.26 2.32 26.53
N GLY B 583 19.17 3.37 25.72
CA GLY B 583 20.29 4.25 25.49
C GLY B 583 20.17 5.66 26.04
N LEU B 584 19.28 5.87 27.03
CA LEU B 584 19.28 7.15 27.74
C LEU B 584 20.62 7.41 28.42
N CYS B 585 20.96 6.55 29.40
CA CYS B 585 22.21 6.59 30.19
C CYS B 585 22.54 7.98 30.74
N MET B 586 21.52 8.67 31.26
CA MET B 586 21.68 10.00 31.84
C MET B 586 21.70 9.96 33.36
N LEU B 587 20.77 9.22 33.96
CA LEU B 587 20.66 9.09 35.41
C LEU B 587 21.81 8.27 36.02
N LYS B 588 22.59 7.56 35.20
CA LYS B 588 23.78 6.87 35.70
C LYS B 588 24.91 7.83 36.06
N LEU B 589 24.86 9.07 35.57
CA LEU B 589 25.84 10.10 35.94
C LEU B 589 25.30 10.92 37.12
N TYR B 590 25.25 10.26 38.27
CA TYR B 590 24.76 10.87 39.49
C TYR B 590 25.92 11.48 40.29
N GLN B 591 25.54 12.25 41.32
CA GLN B 591 26.45 12.92 42.26
C GLN B 591 27.38 13.91 41.56
N ASN B 598 24.49 18.08 32.09
CA ASN B 598 23.39 18.98 31.82
C ASN B 598 23.53 19.63 30.44
N ALA B 599 24.69 20.27 30.22
CA ALA B 599 24.96 20.94 28.96
C ALA B 599 25.07 19.94 27.81
N SER B 600 25.96 18.96 27.95
CA SER B 600 26.12 17.92 26.93
C SER B 600 25.08 16.82 27.01
N ALA B 601 24.14 16.89 27.97
CA ALA B 601 23.11 15.87 28.10
C ALA B 601 21.83 16.26 27.38
N TYR B 602 21.39 17.51 27.54
CA TYR B 602 20.17 18.01 26.89
C TYR B 602 20.29 17.95 25.36
N SER B 603 21.43 18.37 24.82
CA SER B 603 21.66 18.30 23.38
C SER B 603 21.70 16.87 22.86
N ALA B 604 22.29 15.96 23.64
CA ALA B 604 22.46 14.58 23.21
C ALA B 604 21.22 13.70 23.43
N TYR B 605 20.21 14.23 24.13
CA TYR B 605 18.99 13.47 24.40
C TYR B 605 18.22 13.15 23.13
N ALA B 606 17.82 14.19 22.37
CA ALA B 606 17.15 13.96 21.10
C ALA B 606 18.13 13.52 20.03
N SER B 607 19.42 13.86 20.19
CA SER B 607 20.42 13.48 19.22
C SER B 607 20.70 11.99 19.22
N PHE B 608 20.55 11.33 20.37
CA PHE B 608 20.71 9.88 20.44
C PHE B 608 19.63 9.17 19.63
N ALA B 609 18.37 9.59 19.78
CA ALA B 609 17.29 9.01 18.99
C ALA B 609 17.39 9.38 17.52
N VAL B 610 17.91 10.58 17.22
CA VAL B 610 18.13 10.99 15.83
C VAL B 610 19.20 10.11 15.18
N VAL B 611 20.29 9.84 15.90
CA VAL B 611 21.36 8.99 15.37
C VAL B 611 20.88 7.55 15.23
N ILE B 612 20.04 7.10 16.16
CA ILE B 612 19.49 5.74 16.07
C ILE B 612 18.58 5.60 14.86
N MET B 613 17.72 6.59 14.62
CA MET B 613 16.82 6.55 13.46
C MET B 613 17.61 6.69 12.15
N VAL B 614 18.68 7.50 12.16
CA VAL B 614 19.53 7.65 10.98
C VAL B 614 20.25 6.35 10.67
N THR B 615 20.76 5.67 11.70
CA THR B 615 21.42 4.38 11.51
C THR B 615 20.44 3.32 11.01
N VAL B 616 19.21 3.33 11.55
CA VAL B 616 18.18 2.37 11.14
C VAL B 616 17.80 2.59 9.68
N LEU B 617 17.67 3.86 9.26
CA LEU B 617 17.35 4.16 7.87
C LEU B 617 18.52 3.83 6.94
N GLY B 618 19.74 4.18 7.34
CA GLY B 618 20.91 3.95 6.50
C GLY B 618 21.45 2.55 6.49
N VAL B 619 20.94 1.67 7.37
CA VAL B 619 21.42 0.30 7.42
C VAL B 619 21.05 -0.47 6.16
N VAL B 620 19.89 -0.17 5.58
CA VAL B 620 19.46 -0.85 4.36
C VAL B 620 20.35 -0.44 3.18
N PHE B 621 20.61 0.86 3.05
CA PHE B 621 21.45 1.35 1.96
C PHE B 621 22.74 1.98 2.50
N VAL B 626 28.20 2.43 0.72
CA VAL B 626 29.62 2.71 0.67
C VAL B 626 30.33 2.10 1.87
N TRP B 627 30.27 0.77 1.97
CA TRP B 627 30.88 -0.04 3.04
C TRP B 627 30.42 0.42 4.42
N PHE B 628 29.10 0.30 4.64
CA PHE B 628 28.49 0.65 5.92
C PHE B 628 29.02 -0.18 7.08
N TRP B 629 29.26 -1.47 6.83
CA TRP B 629 29.80 -2.37 7.85
C TRP B 629 31.18 -1.93 8.32
N VAL B 630 32.08 -1.62 7.38
CA VAL B 630 33.43 -1.22 7.76
C VAL B 630 33.48 0.21 8.29
N ILE B 631 32.58 1.08 7.83
CA ILE B 631 32.59 2.46 8.30
C ILE B 631 32.04 2.60 9.72
N PHE B 632 31.21 1.65 10.16
CA PHE B 632 30.56 1.77 11.46
C PHE B 632 31.47 1.35 12.61
N SER B 633 32.48 0.52 12.35
CA SER B 633 33.40 0.08 13.41
C SER B 633 34.20 1.24 13.96
N ALA B 634 34.70 2.13 13.09
CA ALA B 634 35.47 3.28 13.54
C ALA B 634 34.61 4.26 14.32
N ILE B 635 33.37 4.47 13.88
CA ILE B 635 32.44 5.37 14.58
C ILE B 635 32.07 4.80 15.93
N HIS B 636 31.85 3.48 16.01
CA HIS B 636 31.53 2.83 17.28
C HIS B 636 32.72 2.89 18.23
N VAL B 637 33.94 2.72 17.72
CA VAL B 637 35.14 2.79 18.56
C VAL B 637 35.34 4.21 19.08
N LEU B 638 35.11 5.21 18.22
CA LEU B 638 35.23 6.61 18.64
C LEU B 638 34.18 6.97 19.68
N ALA B 639 32.93 6.50 19.50
CA ALA B 639 31.88 6.75 20.47
C ALA B 639 32.15 6.06 21.79
N SER B 640 32.69 4.83 21.74
CA SER B 640 33.04 4.11 22.97
C SER B 640 34.18 4.80 23.70
N LEU B 641 35.18 5.28 22.97
CA LEU B 641 36.28 6.02 23.60
C LEU B 641 35.81 7.33 24.22
N ALA B 642 34.91 8.04 23.51
CA ALA B 642 34.35 9.29 24.03
C ALA B 642 33.51 9.05 25.28
N LEU B 643 32.73 7.96 25.30
CA LEU B 643 31.94 7.63 26.48
C LEU B 643 32.83 7.21 27.65
N SER B 644 33.85 6.39 27.37
CA SER B 644 34.73 5.90 28.43
C SER B 644 35.65 6.98 28.97
N THR B 645 35.93 8.03 28.20
CA THR B 645 36.70 9.17 28.70
C THR B 645 35.93 9.89 29.81
N GLN B 646 34.63 10.04 29.65
CA GLN B 646 33.82 10.71 30.65
C GLN B 646 33.49 9.78 31.81
N ILE B 647 33.13 8.53 31.51
CA ILE B 647 32.80 7.55 32.54
C ILE B 647 34.00 7.27 33.45
N TYR B 648 35.17 7.06 32.86
CA TYR B 648 36.37 6.79 33.65
C TYR B 648 36.93 8.08 34.23
N MET B 681 46.07 3.16 36.03
CA MET B 681 44.83 3.29 36.77
C MET B 681 43.88 2.13 36.45
N ASP B 682 43.18 1.66 37.49
CA ASP B 682 42.22 0.56 37.30
C ASP B 682 41.04 1.00 36.45
N ARG B 683 40.56 2.24 36.66
CA ARG B 683 39.45 2.76 35.87
C ARG B 683 39.85 2.94 34.41
N MET B 684 41.07 3.45 34.17
CA MET B 684 41.56 3.61 32.81
C MET B 684 41.77 2.25 32.13
N VAL B 685 42.25 1.26 32.88
CA VAL B 685 42.44 -0.09 32.33
C VAL B 685 41.09 -0.72 31.99
N LEU B 686 40.08 -0.53 32.86
CA LEU B 686 38.74 -1.03 32.57
C LEU B 686 38.12 -0.34 31.37
N LEU B 687 38.34 0.97 31.23
CA LEU B 687 37.84 1.70 30.07
C LEU B 687 38.52 1.24 28.79
N VAL B 688 39.83 0.97 28.84
CA VAL B 688 40.56 0.49 27.68
C VAL B 688 40.09 -0.91 27.29
N VAL B 689 39.85 -1.77 28.29
CA VAL B 689 39.35 -3.12 28.02
C VAL B 689 37.94 -3.07 27.44
N GLY B 690 37.09 -2.17 27.93
CA GLY B 690 35.76 -2.00 27.37
C GLY B 690 35.79 -1.48 25.94
N ASN B 691 36.68 -0.52 25.66
CA ASN B 691 36.84 -0.01 24.30
C ASN B 691 37.36 -1.08 23.35
N LEU B 692 38.29 -1.92 23.82
CA LEU B 692 38.80 -3.02 23.02
C LEU B 692 37.73 -4.07 22.74
N VAL B 693 36.89 -4.35 23.76
CA VAL B 693 35.80 -5.30 23.58
C VAL B 693 34.75 -4.76 22.62
N ASN B 694 34.46 -3.44 22.70
CA ASN B 694 33.52 -2.82 21.77
C ASN B 694 34.06 -2.82 20.34
N TRP B 695 35.38 -2.57 20.18
CA TRP B 695 35.99 -2.63 18.85
C TRP B 695 35.99 -4.04 18.29
N SER B 696 36.22 -5.05 19.14
CA SER B 696 36.16 -6.44 18.70
C SER B 696 34.74 -6.84 18.31
N PHE B 697 33.74 -6.37 19.07
CA PHE B 697 32.35 -6.64 18.72
C PHE B 697 31.94 -5.96 17.42
N ALA B 698 32.42 -4.73 17.19
CA ALA B 698 32.14 -4.02 15.95
C ALA B 698 32.82 -4.70 14.76
N LEU B 699 34.05 -5.20 14.95
CA LEU B 699 34.73 -5.94 13.90
C LEU B 699 34.03 -7.26 13.60
N PHE B 700 33.54 -7.95 14.64
CA PHE B 700 32.79 -9.19 14.43
C PHE B 700 31.48 -8.93 13.70
N GLY B 701 30.78 -7.85 14.04
CA GLY B 701 29.55 -7.51 13.34
C GLY B 701 29.80 -7.09 11.89
N LEU B 702 30.91 -6.39 11.64
CA LEU B 702 31.28 -6.05 10.27
C LEU B 702 31.65 -7.29 9.46
N ILE B 703 32.33 -8.25 10.09
CA ILE B 703 32.67 -9.51 9.42
C ILE B 703 31.41 -10.32 9.14
N TYR B 704 30.45 -10.30 10.07
CA TYR B 704 29.23 -11.09 9.89
C TYR B 704 28.32 -10.47 8.82
N ARG B 705 27.81 -9.27 9.09
CA ARG B 705 26.81 -8.60 8.28
C ARG B 705 25.61 -9.49 7.94
N PRO B 706 24.85 -9.94 8.95
CA PRO B 706 23.85 -11.00 8.74
C PRO B 706 22.67 -10.64 7.84
N ARG B 707 21.93 -9.58 8.20
CA ARG B 707 20.70 -9.29 7.48
C ARG B 707 20.48 -7.80 7.26
N ASP B 708 21.56 -7.03 7.17
CA ASP B 708 21.59 -5.61 6.81
C ASP B 708 20.74 -4.73 7.73
N PHE B 709 19.58 -4.28 7.23
CA PHE B 709 18.69 -3.45 8.04
C PHE B 709 17.98 -4.28 9.10
N ALA B 710 17.69 -5.55 8.81
CA ALA B 710 17.12 -6.43 9.83
C ALA B 710 18.12 -6.75 10.93
N SER B 711 19.42 -6.69 10.63
CA SER B 711 20.48 -6.93 11.60
C SER B 711 20.79 -5.70 12.45
N TYR B 712 20.04 -4.61 12.29
CA TYR B 712 20.22 -3.43 13.14
C TYR B 712 19.87 -3.73 14.60
N MET B 713 18.87 -4.59 14.82
CA MET B 713 18.54 -5.02 16.18
C MET B 713 19.67 -5.80 16.82
N LEU B 714 20.26 -6.73 16.06
CA LEU B 714 21.39 -7.51 16.58
C LEU B 714 22.64 -6.66 16.76
N GLY B 715 22.79 -5.60 15.95
CA GLY B 715 23.92 -4.70 16.11
C GLY B 715 23.76 -3.68 17.22
N ILE B 716 22.51 -3.34 17.59
CA ILE B 716 22.28 -2.44 18.70
C ILE B 716 22.04 -3.18 20.01
N PHE B 717 21.86 -4.51 19.96
CA PHE B 717 21.86 -5.29 21.20
C PHE B 717 23.21 -5.24 21.90
N ILE B 718 24.31 -5.17 21.14
CA ILE B 718 25.63 -5.01 21.74
C ILE B 718 25.76 -3.64 22.40
N CYS B 719 25.19 -2.60 21.77
CA CYS B 719 25.16 -1.27 22.37
C CYS B 719 24.34 -1.24 23.65
N ASN B 720 23.19 -1.92 23.65
CA ASN B 720 22.36 -2.01 24.85
C ASN B 720 23.07 -2.78 25.96
N LEU B 721 23.80 -3.85 25.61
CA LEU B 721 24.59 -4.59 26.59
C LEU B 721 25.72 -3.74 27.15
N LEU B 722 26.37 -2.94 26.31
CA LEU B 722 27.40 -2.02 26.77
C LEU B 722 26.83 -0.96 27.71
N LEU B 723 25.65 -0.43 27.39
CA LEU B 723 25.01 0.56 28.25
C LEU B 723 24.52 -0.06 29.56
N TYR B 724 24.14 -1.33 29.56
CA TYR B 724 23.63 -2.00 30.76
C TYR B 724 24.68 -2.86 31.44
N LEU B 725 25.95 -2.74 31.05
CA LEU B 725 27.04 -3.42 31.73
C LEU B 725 27.93 -2.44 32.48
N ALA B 726 27.53 -1.18 32.59
CA ALA B 726 28.30 -0.15 33.28
C ALA B 726 27.97 -0.08 34.78
N PHE B 727 27.42 -1.15 35.36
CA PHE B 727 27.10 -1.22 36.78
C PHE B 727 28.37 -1.15 37.63
N TYR B 728 28.53 -0.06 38.38
CA TYR B 728 29.72 0.23 39.16
C TYR B 728 29.64 -0.35 40.58
N ILE B 729 28.91 -1.45 40.77
CA ILE B 729 28.73 -2.07 42.08
C ILE B 729 30.02 -2.66 42.67
N ILE B 730 31.13 -2.63 41.94
CA ILE B 730 32.39 -3.21 42.40
C ILE B 730 33.29 -2.05 42.82
N MET B 731 32.66 -0.98 43.29
CA MET B 731 33.39 0.21 43.73
C MET B 731 33.86 0.06 45.18
N LYS B 732 33.50 -1.06 45.83
CA LYS B 732 33.73 -1.27 47.27
C LYS B 732 35.17 -1.63 47.62
N LEU B 733 36.14 -1.37 46.74
CA LEU B 733 37.56 -1.58 47.03
C LEU B 733 38.03 -0.71 48.20
N ARG B 734 37.70 0.57 48.19
CA ARG B 734 38.01 1.47 49.29
C ARG B 734 36.85 2.40 49.61
N SER B 735 35.71 2.22 48.95
CA SER B 735 34.56 3.09 49.12
C SER B 735 33.63 2.55 50.22
N SER B 736 32.40 3.06 50.27
CA SER B 736 31.40 2.66 51.24
C SER B 736 30.79 1.30 50.91
N GLU B 737 29.76 0.89 51.65
CA GLU B 737 29.14 -0.42 51.44
C GLU B 737 28.30 -0.39 50.15
N LYS B 738 27.26 0.44 50.10
CA LYS B 738 26.34 0.59 48.95
C LYS B 738 25.65 -0.71 48.55
N VAL B 739 25.51 -1.66 49.49
CA VAL B 739 24.91 -2.96 49.21
C VAL B 739 23.84 -3.23 50.27
N LEU B 740 22.68 -3.71 49.83
CA LEU B 740 21.58 -4.03 50.71
C LEU B 740 20.86 -5.26 50.15
N PRO B 741 20.17 -6.03 51.01
CA PRO B 741 19.46 -7.24 50.52
C PRO B 741 18.45 -7.04 49.40
N VAL B 742 17.66 -5.97 49.42
CA VAL B 742 16.65 -5.75 48.38
C VAL B 742 17.30 -5.40 47.03
N PRO B 743 18.30 -4.47 46.92
CA PRO B 743 18.99 -4.36 45.63
C PRO B 743 19.83 -5.58 45.25
N LEU B 744 20.27 -6.39 46.22
CA LEU B 744 20.99 -7.60 45.87
C LEU B 744 20.05 -8.63 45.24
N PHE B 745 18.86 -8.79 45.81
CA PHE B 745 17.83 -9.64 45.22
C PHE B 745 17.41 -9.12 43.85
N CYS B 746 17.30 -7.80 43.70
CA CYS B 746 16.86 -7.25 42.41
C CYS B 746 17.94 -7.37 41.35
N ILE B 747 19.22 -7.24 41.71
CA ILE B 747 20.28 -7.42 40.72
C ILE B 747 20.46 -8.89 40.38
N VAL B 748 20.19 -9.79 41.34
CA VAL B 748 20.19 -11.23 41.04
C VAL B 748 19.05 -11.57 40.08
N ALA B 749 17.88 -10.96 40.30
CA ALA B 749 16.72 -11.23 39.45
C ALA B 749 16.92 -10.69 38.04
N THR B 750 17.44 -9.47 37.90
CA THR B 750 17.67 -8.95 36.56
C THR B 750 18.93 -9.53 35.89
N ALA B 751 19.80 -10.19 36.66
CA ALA B 751 20.88 -10.96 36.03
C ALA B 751 20.36 -12.29 35.51
N VAL B 752 19.47 -12.94 36.27
CA VAL B 752 18.96 -14.25 35.89
C VAL B 752 17.96 -14.14 34.74
N MET B 753 17.04 -13.18 34.82
CA MET B 753 15.90 -13.12 33.93
C MET B 753 16.23 -12.42 32.59
N TRP B 754 17.49 -12.09 32.35
CA TRP B 754 17.91 -11.60 31.04
C TRP B 754 18.48 -12.71 30.14
N ALA B 755 18.89 -13.84 30.72
CA ALA B 755 19.38 -14.96 29.91
C ALA B 755 18.25 -15.62 29.13
N ALA B 756 17.09 -15.80 29.78
CA ALA B 756 15.97 -16.50 29.16
C ALA B 756 15.33 -15.67 28.04
N ALA B 757 15.36 -14.34 28.16
CA ALA B 757 14.70 -13.47 27.20
C ALA B 757 15.48 -13.30 25.90
N LEU B 758 16.68 -13.87 25.80
CA LEU B 758 17.46 -13.80 24.57
C LEU B 758 17.26 -15.02 23.68
N TYR B 759 16.92 -16.18 24.26
CA TYR B 759 16.65 -17.38 23.50
C TYR B 759 15.46 -17.20 22.55
N PHE B 760 14.35 -16.68 23.06
CA PHE B 760 13.17 -16.48 22.23
C PHE B 760 13.36 -15.36 21.21
N PHE B 761 14.26 -14.41 21.48
CA PHE B 761 14.69 -13.48 20.44
C PHE B 761 15.48 -14.22 19.35
N PHE B 762 16.43 -15.05 19.75
CA PHE B 762 17.31 -15.73 18.79
C PHE B 762 16.61 -16.84 18.02
N GLN B 763 15.41 -17.24 18.42
CA GLN B 763 14.61 -18.13 17.57
C GLN B 763 13.79 -17.30 16.60
N ASN B 764 14.14 -17.40 15.32
CA ASN B 764 13.48 -16.64 14.25
C ASN B 764 12.30 -17.44 13.72
N LEU B 765 11.17 -16.76 13.55
CA LEU B 765 9.92 -17.40 13.13
C LEU B 765 9.45 -16.95 11.76
N SER B 766 9.52 -15.65 11.47
CA SER B 766 9.15 -15.12 10.16
C SER B 766 10.29 -14.24 9.65
N SER B 767 10.05 -13.60 8.50
CA SER B 767 11.04 -12.74 7.87
C SER B 767 10.32 -11.79 6.92
N TRP B 768 10.78 -10.54 6.89
CA TRP B 768 10.15 -9.48 6.11
C TRP B 768 10.92 -9.18 4.82
N GLU B 769 11.80 -10.07 4.39
CA GLU B 769 12.57 -9.87 3.18
C GLU B 769 12.58 -11.15 2.35
N GLY B 770 12.78 -10.99 1.05
CA GLY B 770 12.92 -12.11 0.13
C GLY B 770 11.64 -12.89 -0.10
N THR B 771 10.65 -12.25 -0.76
CA THR B 771 9.36 -12.73 -1.26
C THR B 771 8.40 -13.09 -0.13
N PRO B 772 7.09 -13.02 -0.35
CA PRO B 772 6.13 -13.43 0.70
C PRO B 772 5.75 -14.90 0.68
N ALA B 773 6.44 -15.74 -0.08
CA ALA B 773 6.21 -17.18 -0.08
C ALA B 773 7.36 -17.95 0.56
N GLU B 774 8.32 -17.26 1.18
CA GLU B 774 9.40 -17.91 1.90
C GLU B 774 9.30 -17.71 3.41
N SER B 775 8.37 -16.89 3.89
CA SER B 775 8.08 -16.83 5.32
C SER B 775 7.49 -18.14 5.83
N ARG B 776 6.68 -18.80 5.00
CA ARG B 776 5.92 -19.98 5.42
C ARG B 776 6.79 -21.20 5.71
N GLU B 777 8.04 -21.20 5.27
CA GLU B 777 8.93 -22.33 5.54
C GLU B 777 9.33 -22.39 7.01
N LYS B 778 9.52 -21.24 7.65
CA LYS B 778 10.02 -21.18 9.02
C LYS B 778 8.90 -21.22 10.06
N ASN B 779 7.64 -21.28 9.61
CA ASN B 779 6.49 -21.25 10.51
C ASN B 779 6.48 -22.44 11.48
N ARG B 780 6.06 -22.16 12.71
CA ARG B 780 6.06 -23.14 13.78
C ARG B 780 4.69 -23.15 14.46
N GLU B 781 4.46 -24.16 15.29
CA GLU B 781 3.17 -24.34 15.93
C GLU B 781 3.17 -23.64 17.29
N CYS B 782 2.14 -23.90 18.10
CA CYS B 782 1.89 -23.15 19.31
C CYS B 782 2.14 -24.01 20.55
N ILE B 783 2.74 -23.39 21.56
CA ILE B 783 2.94 -24.00 22.87
C ILE B 783 2.19 -23.17 23.91
N LEU B 784 2.18 -23.68 25.15
CA LEU B 784 1.63 -23.00 26.33
C LEU B 784 0.13 -22.71 26.15
N LEU B 785 -0.64 -23.81 26.19
CA LEU B 785 -2.11 -23.83 26.21
C LEU B 785 -2.71 -23.43 24.87
N ASP B 786 -2.00 -23.73 23.78
CA ASP B 786 -2.47 -23.58 22.39
C ASP B 786 -2.87 -22.15 22.02
N PHE B 787 -2.29 -21.17 22.67
CA PHE B 787 -2.66 -19.78 22.41
C PHE B 787 -1.46 -18.91 22.09
N PHE B 788 -0.33 -19.12 22.77
CA PHE B 788 0.82 -18.25 22.63
C PHE B 788 1.84 -18.86 21.67
N ASP B 789 2.58 -18.00 21.00
CA ASP B 789 3.47 -18.41 19.93
C ASP B 789 4.86 -18.66 20.54
N ASP B 790 5.89 -18.79 19.69
CA ASP B 790 7.26 -18.84 20.14
C ASP B 790 7.98 -17.52 19.95
N HIS B 791 7.31 -16.53 19.36
CA HIS B 791 7.76 -15.14 19.35
C HIS B 791 6.74 -14.30 20.11
N ASP B 792 6.19 -14.89 21.17
CA ASP B 792 5.21 -14.22 22.01
C ASP B 792 5.46 -14.47 23.49
N ILE B 793 6.54 -15.15 23.85
CA ILE B 793 7.03 -15.18 25.22
C ILE B 793 8.24 -14.27 25.39
N TRP B 794 8.47 -13.37 24.42
CA TRP B 794 9.47 -12.33 24.55
C TRP B 794 8.87 -11.01 25.05
N HIS B 795 7.62 -10.72 24.69
CA HIS B 795 6.89 -9.55 25.18
C HIS B 795 6.45 -9.70 26.63
N PHE B 796 6.67 -10.86 27.25
CA PHE B 796 6.36 -11.11 28.65
C PHE B 796 7.61 -11.05 29.51
N LEU B 797 8.77 -11.38 28.96
CA LEU B 797 10.03 -11.36 29.69
C LEU B 797 10.82 -10.09 29.50
N SER B 798 10.72 -9.43 28.34
CA SER B 798 11.41 -8.16 28.12
C SER B 798 10.91 -7.07 29.06
N ALA B 799 9.58 -6.98 29.23
CA ALA B 799 9.01 -5.98 30.13
C ALA B 799 9.39 -6.23 31.58
N THR B 800 9.32 -7.49 32.03
CA THR B 800 9.64 -7.82 33.41
C THR B 800 11.14 -7.91 33.67
N ALA B 801 11.98 -7.83 32.64
CA ALA B 801 13.40 -7.62 32.87
C ALA B 801 13.76 -6.14 32.85
N LEU B 802 13.13 -5.36 31.97
CA LEU B 802 13.39 -3.92 31.92
C LEU B 802 12.88 -3.23 33.18
N PHE B 803 11.73 -3.68 33.71
CA PHE B 803 11.20 -3.12 34.94
C PHE B 803 12.13 -3.40 36.13
N PHE B 804 12.68 -4.61 36.20
CA PHE B 804 13.62 -4.93 37.27
C PHE B 804 14.95 -4.19 37.12
N SER B 805 15.42 -3.99 35.88
CA SER B 805 16.64 -3.21 35.66
C SER B 805 16.43 -1.75 36.04
N PHE B 806 15.28 -1.16 35.68
CA PHE B 806 14.95 0.19 36.09
C PHE B 806 14.78 0.30 37.61
N LEU B 807 14.22 -0.74 38.24
CA LEU B 807 14.11 -0.75 39.69
C LEU B 807 15.48 -0.83 40.37
N VAL B 808 16.41 -1.57 39.75
CA VAL B 808 17.80 -1.59 40.21
C VAL B 808 18.42 -0.20 40.10
N LEU B 809 18.16 0.48 38.98
CA LEU B 809 18.64 1.85 38.79
C LEU B 809 18.04 2.81 39.80
N LEU B 810 16.77 2.60 40.16
CA LEU B 810 16.08 3.48 41.09
C LEU B 810 16.56 3.28 42.53
N THR B 811 16.48 2.05 43.02
CA THR B 811 16.59 1.76 44.45
C THR B 811 18.02 1.77 44.97
N LEU B 812 19.02 1.92 44.09
CA LEU B 812 20.42 1.80 44.47
C LEU B 812 20.87 3.04 45.26
N ASP B 813 22.18 3.09 45.57
CA ASP B 813 22.83 4.15 46.36
C ASP B 813 22.21 4.24 47.76
N ASP B 814 22.40 3.17 48.52
CA ASP B 814 21.93 3.06 49.89
C ASP B 814 23.12 3.15 50.85
N ASP B 815 22.82 2.98 52.14
CA ASP B 815 23.75 3.04 53.28
C ASP B 815 24.44 4.40 53.43
N LEU B 816 23.93 5.44 52.79
CA LEU B 816 24.48 6.78 52.93
C LEU B 816 23.50 7.81 53.47
N ASP B 817 22.21 7.46 53.57
CA ASP B 817 21.23 8.38 54.17
C ASP B 817 21.42 8.54 55.68
N VAL B 818 22.09 7.60 56.33
CA VAL B 818 22.35 7.72 57.76
C VAL B 818 23.70 8.38 58.06
N VAL B 819 24.62 8.40 57.10
CA VAL B 819 25.91 9.03 57.28
C VAL B 819 25.78 10.55 57.27
#